data_1Z2C
#
_entry.id   1Z2C
#
_cell.length_a   148.640
_cell.length_b   85.350
_cell.length_c   123.380
_cell.angle_alpha   90.00
_cell.angle_beta   90.00
_cell.angle_gamma   90.00
#
_symmetry.space_group_name_H-M   'P 21 21 2'
#
loop_
_entity.id
_entity.type
_entity.pdbx_description
1 polymer 'Rho-related GTP-binding protein RhoC'
2 polymer 'Diaphanous protein homolog 1'
3 non-polymer 'MAGNESIUM ION'
4 non-polymer 'PHOSPHOAMINOPHOSPHONIC ACID-GUANYLATE ESTER'
#
loop_
_entity_poly.entity_id
_entity_poly.type
_entity_poly.pdbx_seq_one_letter_code
_entity_poly.pdbx_strand_id
1 'polypeptide(L)'
;MAAIRKKLVIVGDGACGKTCLLIVNSKDQFPEVYVPTVFENYIADIEVDGKQVELALWDTAGQEDYDRLRPLSYPDTDVI
LMCFSIDSPDSLENIPEKWTPEVKHFCPNVPIILVGNKKDLRQDEHTRRELAKMKQEPVRSEEGRDMANRISAFGYLECS
AKTKEGVREVFEMATRAGLQVRKNKRRRGCPIL
;
A,C
2 'polypeptide(L)'
;DPTAQSLQDISDEQVLVLFEQMLVDMNLNEEKQQPLREKDIVIKREMVSQYLHTSKAGMNQKESSRSAMMYIQELRSGLR
DMHLLSCLESLRVSLNNNPVSWVQTFGAEGLASLLDILKRLHDEKEETSGNYDSRNQHEIIRCLKAFMNNKFGIKTMLET
EEGILLLVRAMDPAVPNMMIDAAKLLSALCILPQPEDMNERVLEAMTERAEMDEVERFQPLLDGLKSGTSIALKVGCLQL
INALITPAEELDFRVHIRSELMRLGLHQVLQELREIENEDMKVQLCVFDEQGDEDFFDLKGRLDDIRMEMDDFGEVFQII
LNTVKDSKAEPHFLSILQHLLLVRNDYEARPQYYKLIEECVSQIVLHKNGTDPDFKCRHLQID
;
B,D
#
# COMPACT_ATOMS: atom_id res chain seq x y z
N MET A 1 -8.85 -22.61 1.80
CA MET A 1 -7.68 -21.81 1.29
C MET A 1 -8.00 -20.31 1.33
N ALA A 2 -7.65 -19.68 2.45
CA ALA A 2 -7.90 -18.24 2.66
C ALA A 2 -6.93 -17.35 1.88
N ALA A 3 -6.84 -17.64 0.58
CA ALA A 3 -5.92 -17.01 -0.36
C ALA A 3 -6.01 -15.50 -0.42
N ILE A 4 -4.89 -14.89 -0.78
CA ILE A 4 -4.77 -13.46 -0.91
C ILE A 4 -5.35 -13.05 -2.24
N ARG A 5 -6.21 -12.02 -2.24
CA ARG A 5 -6.85 -11.53 -3.47
C ARG A 5 -6.61 -10.03 -3.65
N LYS A 6 -6.08 -9.65 -4.80
CA LYS A 6 -5.85 -8.22 -5.07
C LYS A 6 -6.57 -7.71 -6.33
N LYS A 7 -7.00 -6.45 -6.32
CA LYS A 7 -7.71 -5.89 -7.47
C LYS A 7 -6.72 -5.31 -8.50
N LEU A 8 -6.82 -5.79 -9.74
CA LEU A 8 -6.10 -5.17 -10.83
C LEU A 8 -7.07 -4.61 -11.87
N VAL A 9 -7.08 -3.28 -11.99
CA VAL A 9 -7.83 -2.63 -13.06
C VAL A 9 -6.86 -2.28 -14.18
N ILE A 10 -7.27 -2.54 -15.43
CA ILE A 10 -6.43 -2.22 -16.61
C ILE A 10 -7.09 -1.17 -17.57
N VAL A 11 -6.34 -0.13 -17.98
CA VAL A 11 -6.90 0.95 -18.81
C VAL A 11 -5.96 1.42 -19.92
N GLY A 12 -6.51 2.09 -20.93
CA GLY A 12 -5.71 2.47 -22.09
C GLY A 12 -6.52 2.67 -23.36
N ASP A 13 -5.88 3.24 -24.38
CA ASP A 13 -6.59 3.63 -25.58
C ASP A 13 -7.35 2.48 -26.21
N GLY A 14 -8.55 2.78 -26.67
CA GLY A 14 -9.31 1.80 -27.43
C GLY A 14 -8.42 1.12 -28.45
N ALA A 15 -8.43 -0.20 -28.39
CA ALA A 15 -7.80 -1.08 -29.39
C ALA A 15 -6.27 -1.30 -29.26
N CYS A 16 -5.67 -0.82 -28.18
CA CYS A 16 -4.26 -1.13 -27.96
C CYS A 16 -4.02 -2.52 -27.32
N GLY A 17 -5.09 -3.31 -27.21
CA GLY A 17 -5.00 -4.69 -26.75
C GLY A 17 -5.12 -4.98 -25.27
N LYS A 18 -5.83 -4.13 -24.51
CA LYS A 18 -6.10 -4.40 -23.09
C LYS A 18 -6.71 -5.78 -22.86
N THR A 19 -7.81 -6.09 -23.56
CA THR A 19 -8.52 -7.37 -23.38
C THR A 19 -7.73 -8.64 -23.79
N CYS A 20 -6.98 -8.59 -24.88
CA CYS A 20 -6.28 -9.80 -25.33
C CYS A 20 -5.27 -10.29 -24.33
N LEU A 21 -4.55 -9.32 -23.76
CA LEU A 21 -3.61 -9.56 -22.69
C LEU A 21 -4.27 -10.35 -21.58
N LEU A 22 -5.40 -9.86 -21.07
CA LEU A 22 -6.16 -10.53 -20.00
C LEU A 22 -6.54 -11.97 -20.37
N ILE A 23 -7.07 -12.11 -21.57
CA ILE A 23 -7.61 -13.37 -21.99
C ILE A 23 -6.50 -14.39 -22.24
N VAL A 24 -5.34 -13.91 -22.65
CA VAL A 24 -4.25 -14.82 -22.97
C VAL A 24 -3.70 -15.42 -21.68
N ASN A 25 -3.66 -14.62 -20.64
CA ASN A 25 -3.27 -15.13 -19.35
C ASN A 25 -4.14 -16.29 -18.86
N SER A 26 -5.43 -16.26 -19.21
CA SER A 26 -6.46 -17.11 -18.58
C SER A 26 -6.91 -18.34 -19.40
N LYS A 27 -7.82 -18.14 -20.36
CA LYS A 27 -8.34 -19.24 -21.19
C LYS A 27 -7.27 -19.77 -22.15
N ASP A 28 -6.47 -18.85 -22.69
CA ASP A 28 -5.34 -19.14 -23.59
C ASP A 28 -5.77 -19.37 -25.05
N GLN A 29 -6.58 -18.45 -25.58
CA GLN A 29 -6.90 -18.39 -27.01
C GLN A 29 -6.98 -16.92 -27.41
N PHE A 30 -6.25 -16.55 -28.45
CA PHE A 30 -6.23 -15.19 -28.99
C PHE A 30 -7.49 -14.94 -29.86
N PRO A 31 -8.30 -13.91 -29.54
CA PRO A 31 -9.46 -13.74 -30.43
C PRO A 31 -9.11 -12.96 -31.70
N GLU A 32 -9.47 -13.52 -32.86
CA GLU A 32 -9.23 -12.90 -34.18
C GLU A 32 -10.07 -11.62 -34.31
N VAL A 33 -11.34 -11.75 -33.91
CA VAL A 33 -12.30 -10.66 -33.81
C VAL A 33 -11.71 -9.45 -33.06
N TYR A 34 -12.56 -8.45 -32.84
CA TYR A 34 -12.28 -7.34 -31.94
C TYR A 34 -13.62 -6.78 -31.52
N VAL A 35 -14.09 -7.23 -30.38
CA VAL A 35 -15.29 -6.67 -29.81
C VAL A 35 -14.84 -5.80 -28.65
N PRO A 36 -15.09 -4.48 -28.74
CA PRO A 36 -14.74 -3.43 -27.75
C PRO A 36 -15.39 -3.60 -26.38
N THR A 37 -14.61 -3.64 -25.32
CA THR A 37 -15.18 -3.95 -24.01
C THR A 37 -15.90 -2.73 -23.48
N VAL A 38 -17.09 -2.93 -22.92
CA VAL A 38 -17.69 -1.87 -22.09
C VAL A 38 -17.26 -2.05 -20.65
N PHE A 39 -17.47 -3.25 -20.10
CA PHE A 39 -17.32 -3.49 -18.67
C PHE A 39 -17.38 -5.00 -18.46
N GLU A 40 -16.27 -5.56 -17.97
CA GLU A 40 -16.09 -7.01 -17.81
C GLU A 40 -15.12 -7.26 -16.69
N ASN A 41 -15.32 -8.33 -15.91
CA ASN A 41 -14.24 -8.73 -15.00
C ASN A 41 -14.00 -10.22 -14.73
N TYR A 42 -12.74 -10.61 -14.88
CA TYR A 42 -12.26 -11.98 -14.69
C TYR A 42 -11.49 -12.24 -13.36
N ILE A 43 -11.36 -13.52 -12.98
CA ILE A 43 -10.47 -13.93 -11.88
C ILE A 43 -9.35 -14.82 -12.41
N ALA A 44 -8.11 -14.45 -12.08
CA ALA A 44 -6.95 -15.26 -12.41
C ALA A 44 -6.34 -15.89 -11.15
N ASP A 45 -5.33 -16.75 -11.35
CA ASP A 45 -4.43 -17.22 -10.28
C ASP A 45 -3.02 -17.17 -10.81
N ILE A 46 -2.07 -16.73 -9.99
CA ILE A 46 -0.71 -16.46 -10.46
C ILE A 46 0.35 -16.80 -9.36
N GLU A 47 1.53 -17.22 -9.81
CA GLU A 47 2.64 -17.53 -8.89
C GLU A 47 3.53 -16.34 -8.58
N VAL A 48 3.90 -16.23 -7.32
CA VAL A 48 4.96 -15.36 -6.90
C VAL A 48 5.60 -16.05 -5.73
N ASP A 49 6.77 -16.60 -6.00
CA ASP A 49 7.68 -17.01 -4.96
C ASP A 49 6.91 -17.80 -3.90
N GLY A 50 6.47 -19.00 -4.25
CA GLY A 50 5.88 -19.96 -3.32
C GLY A 50 4.40 -19.78 -2.99
N LYS A 51 3.78 -18.74 -3.58
CA LYS A 51 2.42 -18.37 -3.26
C LYS A 51 1.42 -18.47 -4.41
N GLN A 52 0.26 -19.03 -4.07
CA GLN A 52 -0.91 -18.99 -4.95
C GLN A 52 -1.83 -17.85 -4.52
N VAL A 53 -2.02 -16.93 -5.45
CA VAL A 53 -2.61 -15.64 -5.13
C VAL A 53 -3.63 -15.18 -6.19
N GLU A 54 -4.93 -15.29 -5.84
CA GLU A 54 -6.03 -14.87 -6.72
C GLU A 54 -5.89 -13.42 -7.20
N LEU A 55 -6.24 -13.16 -8.45
CA LEU A 55 -6.05 -11.83 -8.99
C LEU A 55 -7.32 -11.35 -9.67
N ALA A 56 -7.99 -10.35 -9.08
CA ALA A 56 -9.31 -9.89 -9.56
C ALA A 56 -9.18 -8.87 -10.67
N LEU A 57 -9.45 -9.29 -11.90
CA LEU A 57 -9.11 -8.52 -13.08
C LEU A 57 -10.30 -7.72 -13.54
N TRP A 58 -10.14 -6.41 -13.59
CA TRP A 58 -11.21 -5.50 -13.98
C TRP A 58 -10.86 -4.85 -15.33
N ASP A 59 -11.63 -5.20 -16.37
CA ASP A 59 -11.34 -4.81 -17.75
C ASP A 59 -12.24 -3.57 -18.02
N THR A 60 -11.74 -2.55 -18.74
CA THR A 60 -12.48 -1.29 -18.98
C THR A 60 -12.55 -0.92 -20.48
N ALA A 61 -13.59 -0.16 -20.87
CA ALA A 61 -13.68 0.39 -22.21
C ALA A 61 -12.56 1.41 -22.42
N GLY A 62 -11.87 1.28 -23.54
CA GLY A 62 -10.86 2.24 -23.93
C GLY A 62 -11.42 3.47 -24.61
N GLN A 63 -12.59 3.36 -25.22
CA GLN A 63 -13.19 4.46 -25.98
C GLN A 63 -13.53 5.68 -25.09
N GLU A 64 -13.28 6.88 -25.59
CA GLU A 64 -13.78 8.14 -24.97
C GLU A 64 -15.23 8.12 -24.51
N ASP A 65 -16.13 7.66 -25.36
CA ASP A 65 -17.55 7.72 -25.05
C ASP A 65 -17.92 6.99 -23.75
N TYR A 66 -16.98 6.32 -23.10
CA TYR A 66 -17.31 5.58 -21.87
C TYR A 66 -16.66 6.18 -20.63
N ASP A 67 -16.37 7.49 -20.67
CA ASP A 67 -15.55 8.13 -19.63
C ASP A 67 -16.33 8.22 -18.32
N ARG A 68 -17.63 8.45 -18.42
CA ARG A 68 -18.43 8.54 -17.22
C ARG A 68 -18.69 7.12 -16.66
N LEU A 69 -18.58 6.10 -17.51
CA LEU A 69 -18.67 4.70 -17.06
C LEU A 69 -17.44 4.20 -16.27
N ARG A 70 -16.24 4.61 -16.65
CA ARG A 70 -15.08 3.92 -16.12
C ARG A 70 -14.89 4.02 -14.60
N PRO A 71 -15.22 5.17 -13.96
CA PRO A 71 -14.91 5.25 -12.53
C PRO A 71 -15.73 4.28 -11.70
N LEU A 72 -16.69 3.62 -12.33
CA LEU A 72 -17.37 2.55 -11.66
C LEU A 72 -16.41 1.44 -11.24
N SER A 73 -15.24 1.38 -11.91
CA SER A 73 -14.30 0.28 -11.76
C SER A 73 -13.20 0.58 -10.79
N TYR A 74 -12.90 1.84 -10.56
CA TYR A 74 -11.73 2.21 -9.74
C TYR A 74 -11.78 2.02 -8.17
N PRO A 75 -12.98 2.07 -7.52
CA PRO A 75 -13.15 2.13 -6.06
C PRO A 75 -12.10 1.55 -5.10
N ASP A 76 -11.70 0.28 -5.19
CA ASP A 76 -10.60 -0.15 -4.27
C ASP A 76 -9.49 -0.91 -4.98
N THR A 77 -8.87 -0.28 -5.98
CA THR A 77 -7.87 -0.93 -6.77
C THR A 77 -6.60 -1.09 -5.95
N ASP A 78 -5.90 -2.20 -6.15
CA ASP A 78 -4.62 -2.37 -5.54
C ASP A 78 -3.46 -2.07 -6.49
N VAL A 79 -3.72 -2.19 -7.80
CA VAL A 79 -2.67 -1.96 -8.82
C VAL A 79 -3.22 -1.83 -10.22
N ILE A 80 -2.79 -0.77 -10.90
CA ILE A 80 -3.19 -0.56 -12.28
C ILE A 80 -2.22 -1.12 -13.31
N LEU A 81 -2.80 -1.58 -14.41
CA LEU A 81 -2.04 -1.79 -15.63
C LEU A 81 -2.45 -0.72 -16.62
N MET A 82 -1.47 0.10 -17.02
CA MET A 82 -1.73 1.17 -17.97
C MET A 82 -1.02 0.82 -19.25
N CYS A 83 -1.78 0.80 -20.34
CA CYS A 83 -1.33 0.27 -21.63
C CYS A 83 -1.31 1.27 -22.78
N PHE A 84 -0.48 0.96 -23.77
CA PHE A 84 -0.42 1.61 -25.07
C PHE A 84 0.05 0.56 -26.06
N SER A 85 -0.30 0.76 -27.32
CA SER A 85 0.20 -0.08 -28.38
C SER A 85 1.54 0.40 -28.89
N ILE A 86 2.42 -0.55 -29.14
CA ILE A 86 3.74 -0.24 -29.65
C ILE A 86 3.62 0.21 -31.10
N ASP A 87 2.57 -0.21 -31.80
CA ASP A 87 2.39 0.23 -33.17
C ASP A 87 1.70 1.59 -33.25
N SER A 88 1.58 2.26 -32.11
CA SER A 88 0.81 3.49 -32.03
C SER A 88 1.43 4.56 -31.11
N PRO A 89 2.29 5.45 -31.68
CA PRO A 89 2.85 6.58 -30.90
C PRO A 89 1.74 7.41 -30.27
N ASP A 90 0.64 7.60 -31.02
CA ASP A 90 -0.50 8.40 -30.54
C ASP A 90 -1.04 7.83 -29.26
N SER A 91 -1.13 6.49 -29.24
CA SER A 91 -1.66 5.77 -28.10
C SER A 91 -0.76 5.97 -26.92
N LEU A 92 0.54 6.23 -27.17
CA LEU A 92 1.53 6.53 -26.12
C LEU A 92 1.33 7.92 -25.58
N GLU A 93 1.36 8.89 -26.49
CA GLU A 93 1.12 10.30 -26.18
C GLU A 93 -0.06 10.52 -25.21
N ASN A 94 -1.01 9.57 -25.16
CA ASN A 94 -2.19 9.67 -24.27
C ASN A 94 -1.92 9.25 -22.84
N ILE A 95 -0.72 8.73 -22.62
CA ILE A 95 -0.35 8.34 -21.29
C ILE A 95 -0.28 9.54 -20.29
N PRO A 96 0.49 10.58 -20.62
CA PRO A 96 0.40 11.74 -19.74
C PRO A 96 -0.83 12.66 -19.95
N GLU A 97 -1.35 12.79 -21.18
CA GLU A 97 -2.48 13.71 -21.45
C GLU A 97 -3.80 13.32 -20.81
N LYS A 98 -4.12 12.02 -20.92
CA LYS A 98 -5.39 11.44 -20.46
C LYS A 98 -5.28 10.42 -19.32
N TRP A 99 -4.72 9.25 -19.59
CA TRP A 99 -4.68 8.13 -18.63
C TRP A 99 -3.98 8.41 -17.27
N THR A 100 -2.90 9.18 -17.26
CA THR A 100 -2.35 9.50 -15.96
C THR A 100 -3.22 10.44 -15.10
N PRO A 101 -3.55 11.65 -15.60
CA PRO A 101 -4.36 12.52 -14.76
C PRO A 101 -5.57 11.79 -14.21
N GLU A 102 -6.17 10.90 -15.03
CA GLU A 102 -7.37 10.12 -14.66
C GLU A 102 -7.12 9.16 -13.50
N VAL A 103 -6.08 8.35 -13.63
CA VAL A 103 -5.80 7.31 -12.66
C VAL A 103 -5.37 7.89 -11.28
N LYS A 104 -4.57 8.97 -11.30
CA LYS A 104 -4.11 9.66 -10.11
C LYS A 104 -5.26 10.40 -9.45
N HIS A 105 -6.26 10.74 -10.24
CA HIS A 105 -7.38 11.48 -9.71
C HIS A 105 -8.31 10.52 -8.94
N PHE A 106 -8.50 9.31 -9.43
CA PHE A 106 -9.45 8.38 -8.83
C PHE A 106 -8.76 7.37 -7.91
N CYS A 107 -7.51 7.03 -8.19
CA CYS A 107 -6.76 6.09 -7.35
C CYS A 107 -5.43 6.71 -6.91
N PRO A 108 -5.46 7.56 -5.89
CA PRO A 108 -4.17 8.15 -5.59
C PRO A 108 -3.31 7.14 -4.78
N ASN A 109 -2.04 7.02 -5.14
CA ASN A 109 -1.08 6.12 -4.48
C ASN A 109 -1.35 4.66 -4.76
N VAL A 110 -1.95 4.42 -5.91
CA VAL A 110 -2.08 3.10 -6.44
C VAL A 110 -0.94 2.95 -7.44
N PRO A 111 -0.05 1.97 -7.21
CA PRO A 111 0.99 1.64 -8.18
C PRO A 111 0.50 1.36 -9.62
N ILE A 112 1.29 1.82 -10.56
CA ILE A 112 1.00 1.74 -11.95
C ILE A 112 2.11 0.94 -12.64
N ILE A 113 1.71 0.07 -13.57
CA ILE A 113 2.66 -0.57 -14.46
C ILE A 113 2.45 -0.12 -15.91
N LEU A 114 3.43 0.61 -16.46
CA LEU A 114 3.28 1.05 -17.85
C LEU A 114 3.64 -0.12 -18.74
N VAL A 115 2.70 -0.49 -19.63
CA VAL A 115 2.82 -1.70 -20.44
C VAL A 115 2.71 -1.45 -21.96
N GLY A 116 3.77 -1.71 -22.72
CA GLY A 116 3.71 -1.62 -24.18
C GLY A 116 3.18 -2.90 -24.81
N ASN A 117 2.00 -2.84 -25.46
CA ASN A 117 1.44 -4.02 -26.15
C ASN A 117 1.83 -4.15 -27.61
N LYS A 118 1.44 -5.28 -28.20
CA LYS A 118 1.70 -5.61 -29.60
C LYS A 118 3.17 -5.45 -29.98
N LYS A 119 4.05 -5.82 -29.05
CA LYS A 119 5.50 -5.89 -29.31
C LYS A 119 5.86 -6.47 -30.70
N ASP A 120 5.12 -7.50 -31.10
CA ASP A 120 5.32 -8.18 -32.39
C ASP A 120 5.20 -7.25 -33.60
N LEU A 121 4.56 -6.10 -33.41
CA LEU A 121 4.36 -5.17 -34.52
C LEU A 121 5.55 -4.27 -34.76
N ARG A 122 6.43 -4.16 -33.77
CA ARG A 122 7.62 -3.32 -33.81
C ARG A 122 8.47 -3.55 -35.06
N GLN A 123 8.58 -4.81 -35.43
CA GLN A 123 9.39 -5.20 -36.56
C GLN A 123 8.48 -5.77 -37.65
N ASP A 124 7.25 -5.28 -37.68
CA ASP A 124 6.27 -5.68 -38.68
C ASP A 124 6.36 -4.81 -39.94
N GLU A 125 6.51 -5.49 -41.07
CA GLU A 125 6.68 -4.84 -42.36
C GLU A 125 5.52 -3.89 -42.75
N HIS A 126 4.28 -4.37 -42.74
CA HIS A 126 3.17 -3.50 -43.11
C HIS A 126 3.05 -2.30 -42.14
N THR A 127 3.18 -2.57 -40.84
CA THR A 127 3.07 -1.54 -39.80
C THR A 127 3.98 -0.33 -40.10
N ARG A 128 5.27 -0.58 -40.26
CA ARG A 128 6.27 0.45 -40.57
C ARG A 128 5.93 1.27 -41.81
N ARG A 129 5.65 0.60 -42.93
CA ARG A 129 5.17 1.27 -44.15
C ARG A 129 3.99 2.20 -43.81
N GLU A 130 3.04 1.71 -43.03
CA GLU A 130 1.88 2.54 -42.66
C GLU A 130 2.20 3.73 -41.74
N LEU A 131 3.02 3.50 -40.71
CA LEU A 131 3.44 4.57 -39.82
C LEU A 131 4.29 5.62 -40.51
N ALA A 132 5.04 5.22 -41.54
CA ALA A 132 5.80 6.18 -42.36
C ALA A 132 4.88 7.25 -42.97
N LYS A 133 3.80 6.79 -43.64
CA LYS A 133 2.79 7.67 -44.27
C LYS A 133 2.33 8.85 -43.42
N MET A 134 2.69 8.83 -42.13
CA MET A 134 2.25 9.83 -41.17
C MET A 134 3.42 10.55 -40.51
N LYS A 135 4.61 10.38 -41.09
CA LYS A 135 5.84 10.91 -40.52
C LYS A 135 6.11 10.33 -39.11
N GLN A 136 5.98 9.01 -38.96
CA GLN A 136 6.19 8.35 -37.65
C GLN A 136 6.84 6.96 -37.77
N GLU A 137 7.23 6.42 -36.62
CA GLU A 137 7.76 5.06 -36.51
C GLU A 137 7.23 4.40 -35.25
N PRO A 138 7.32 3.07 -35.16
CA PRO A 138 6.85 2.39 -33.95
C PRO A 138 7.54 2.91 -32.69
N VAL A 139 6.96 2.61 -31.53
CA VAL A 139 7.54 2.98 -30.23
C VAL A 139 8.87 2.27 -29.97
N ARG A 140 9.87 3.02 -29.56
CA ARG A 140 11.15 2.45 -29.14
C ARG A 140 11.07 2.11 -27.66
N SER A 141 11.61 0.97 -27.26
CA SER A 141 11.72 0.62 -25.84
C SER A 141 12.12 1.83 -25.00
N GLU A 142 13.22 2.44 -25.45
CA GLU A 142 13.78 3.63 -24.84
C GLU A 142 12.69 4.64 -24.54
N GLU A 143 11.81 4.89 -25.53
CA GLU A 143 10.69 5.84 -25.36
C GLU A 143 9.70 5.39 -24.29
N GLY A 144 9.45 4.09 -24.24
CA GLY A 144 8.54 3.51 -23.26
C GLY A 144 9.01 3.56 -21.82
N ARG A 145 10.29 3.27 -21.58
CA ARG A 145 10.83 3.34 -20.23
C ARG A 145 10.90 4.79 -19.71
N ASP A 146 11.19 5.74 -20.61
CA ASP A 146 11.26 7.15 -20.26
C ASP A 146 9.93 7.71 -19.80
N MET A 147 8.86 7.08 -20.27
CA MET A 147 7.51 7.54 -20.01
C MET A 147 7.13 7.05 -18.65
N ALA A 148 7.58 5.85 -18.33
CA ALA A 148 7.18 5.21 -17.10
C ALA A 148 7.82 5.96 -15.96
N ASN A 149 9.05 6.42 -16.22
CA ASN A 149 9.76 7.19 -15.24
C ASN A 149 9.05 8.51 -15.06
N ARG A 150 8.51 9.04 -16.13
CA ARG A 150 7.88 10.34 -16.05
C ARG A 150 6.56 10.32 -15.25
N ILE A 151 5.75 9.30 -15.45
CA ILE A 151 4.51 9.17 -14.68
C ILE A 151 4.79 8.53 -13.32
N SER A 152 6.08 8.24 -13.07
CA SER A 152 6.61 7.55 -11.88
C SER A 152 5.89 6.24 -11.58
N ALA A 153 5.78 5.41 -12.61
CA ALA A 153 5.19 4.10 -12.53
C ALA A 153 6.07 3.17 -11.69
N PHE A 154 5.56 1.98 -11.38
CA PHE A 154 6.32 0.93 -10.71
C PHE A 154 7.32 0.29 -11.68
N GLY A 155 7.03 0.37 -12.99
CA GLY A 155 7.95 -0.13 -13.99
C GLY A 155 7.34 -0.18 -15.37
N TYR A 156 8.11 -0.75 -16.30
CA TYR A 156 7.71 -0.85 -17.71
C TYR A 156 8.03 -2.25 -18.20
N LEU A 157 7.03 -2.98 -18.68
CA LEU A 157 7.29 -4.23 -19.40
C LEU A 157 6.56 -4.18 -20.75
N GLU A 158 7.15 -4.78 -21.76
CA GLU A 158 6.56 -4.81 -23.05
C GLU A 158 6.09 -6.24 -23.30
N CYS A 159 5.07 -6.42 -24.14
CA CYS A 159 4.62 -7.75 -24.50
C CYS A 159 3.74 -7.78 -25.75
N SER A 160 3.59 -9.00 -26.24
CA SER A 160 2.73 -9.28 -27.34
C SER A 160 1.87 -10.44 -26.90
N ALA A 161 0.58 -10.16 -26.76
CA ALA A 161 -0.41 -11.20 -26.55
C ALA A 161 -0.42 -12.24 -27.69
N LYS A 162 -0.24 -11.79 -28.94
CA LYS A 162 -0.34 -12.65 -30.13
C LYS A 162 0.70 -13.76 -30.14
N THR A 163 1.89 -13.48 -29.61
CA THR A 163 2.97 -14.44 -29.57
C THR A 163 3.21 -14.88 -28.13
N LYS A 164 2.53 -14.23 -27.20
CA LYS A 164 2.64 -14.51 -25.75
C LYS A 164 3.98 -14.10 -25.14
N GLU A 165 4.83 -13.43 -25.91
CA GLU A 165 6.08 -12.89 -25.37
C GLU A 165 5.85 -11.90 -24.24
N GLY A 166 6.63 -12.04 -23.16
CA GLY A 166 6.69 -11.06 -22.05
C GLY A 166 5.45 -10.95 -21.18
N VAL A 167 4.49 -11.83 -21.43
CA VAL A 167 3.18 -11.80 -20.77
C VAL A 167 3.25 -12.28 -19.32
N ARG A 168 3.67 -13.54 -19.10
CA ARG A 168 3.78 -14.07 -17.74
C ARG A 168 4.45 -13.07 -16.80
N GLU A 169 5.47 -12.37 -17.31
CA GLU A 169 6.19 -11.32 -16.57
C GLU A 169 5.35 -10.06 -16.28
N VAL A 170 4.50 -9.68 -17.23
CA VAL A 170 3.56 -8.60 -16.99
C VAL A 170 2.81 -8.89 -15.70
N PHE A 171 2.10 -10.01 -15.61
CA PHE A 171 1.26 -10.23 -14.41
C PHE A 171 2.01 -10.52 -13.11
N GLU A 172 3.24 -10.98 -13.21
CA GLU A 172 4.02 -11.19 -12.01
C GLU A 172 4.30 -9.86 -11.38
N MET A 173 4.76 -8.92 -12.18
CA MET A 173 5.10 -7.61 -11.66
C MET A 173 3.89 -7.00 -10.95
N ALA A 174 2.73 -7.09 -11.60
CA ALA A 174 1.50 -6.56 -11.02
C ALA A 174 1.16 -7.25 -9.70
N THR A 175 1.14 -8.57 -9.68
CA THR A 175 0.99 -9.30 -8.40
C THR A 175 1.96 -8.72 -7.38
N ARG A 176 3.24 -8.70 -7.75
CA ARG A 176 4.32 -8.16 -6.93
C ARG A 176 4.05 -6.73 -6.41
N ALA A 177 3.47 -5.87 -7.24
CA ALA A 177 3.21 -4.47 -6.91
C ALA A 177 2.13 -4.24 -5.84
N GLY A 178 0.92 -4.77 -6.11
CA GLY A 178 -0.21 -4.72 -5.16
C GLY A 178 0.14 -5.27 -3.77
N LEU A 179 1.29 -5.92 -3.67
CA LEU A 179 1.84 -6.22 -2.37
C LEU A 179 2.70 -5.03 -1.87
N VAL B 15 -35.33 -2.76 -9.51
CA VAL B 15 -33.87 -2.33 -9.62
C VAL B 15 -33.44 -1.65 -10.94
N LEU B 16 -34.07 -2.08 -12.04
CA LEU B 16 -33.79 -1.60 -13.41
C LEU B 16 -34.18 -0.14 -13.64
N VAL B 17 -34.76 0.48 -12.62
CA VAL B 17 -35.07 1.90 -12.64
C VAL B 17 -33.76 2.66 -12.50
N LEU B 18 -33.03 2.37 -11.44
CA LEU B 18 -31.76 3.00 -11.18
C LEU B 18 -30.87 2.85 -12.40
N PHE B 19 -30.86 1.63 -12.95
CA PHE B 19 -30.06 1.36 -14.11
C PHE B 19 -30.31 2.35 -15.26
N GLU B 20 -31.58 2.70 -15.53
CA GLU B 20 -31.88 3.73 -16.53
C GLU B 20 -31.27 5.07 -16.13
N GLN B 21 -31.47 5.39 -14.85
CA GLN B 21 -31.01 6.64 -14.25
C GLN B 21 -29.52 6.76 -14.50
N MET B 22 -28.82 5.68 -14.16
CA MET B 22 -27.37 5.55 -14.34
C MET B 22 -26.94 5.78 -15.81
N LEU B 23 -27.66 5.12 -16.71
CA LEU B 23 -27.31 5.13 -18.12
C LEU B 23 -27.53 6.49 -18.73
N VAL B 24 -28.45 7.25 -18.15
CA VAL B 24 -28.70 8.61 -18.59
C VAL B 24 -27.60 9.54 -18.10
N ASP B 25 -27.06 9.19 -16.93
CA ASP B 25 -26.14 10.04 -16.23
C ASP B 25 -24.75 9.85 -16.78
N MET B 26 -24.64 8.97 -17.75
CA MET B 26 -23.32 8.66 -18.27
C MET B 26 -23.10 9.10 -19.68
N ASN B 27 -24.04 9.89 -20.19
CA ASN B 27 -23.93 10.54 -21.49
C ASN B 27 -23.74 9.54 -22.64
N LEU B 28 -24.57 8.51 -22.68
CA LEU B 28 -24.44 7.52 -23.73
C LEU B 28 -25.60 7.56 -24.69
N ASN B 29 -25.32 7.63 -25.99
CA ASN B 29 -26.34 7.50 -27.01
C ASN B 29 -26.94 6.07 -27.03
N GLU B 30 -27.97 5.82 -27.88
CA GLU B 30 -28.70 4.52 -27.97
C GLU B 30 -27.77 3.32 -28.20
N GLU B 31 -26.91 3.42 -29.22
CA GLU B 31 -25.95 2.36 -29.61
C GLU B 31 -24.95 1.98 -28.51
N LYS B 32 -24.31 3.01 -27.96
CA LYS B 32 -23.38 2.85 -26.86
C LYS B 32 -24.00 2.09 -25.71
N GLN B 33 -25.31 2.22 -25.56
CA GLN B 33 -26.03 1.67 -24.43
C GLN B 33 -26.38 0.22 -24.65
N GLN B 34 -26.46 -0.16 -25.91
CA GLN B 34 -26.77 -1.54 -26.27
C GLN B 34 -26.11 -2.58 -25.34
N PRO B 35 -24.76 -2.60 -25.31
CA PRO B 35 -24.09 -3.73 -24.65
C PRO B 35 -24.33 -3.79 -23.17
N LEU B 36 -24.58 -2.63 -22.56
CA LEU B 36 -24.94 -2.56 -21.12
C LEU B 36 -26.32 -3.14 -20.86
N ARG B 37 -27.25 -2.95 -21.81
CA ARG B 37 -28.60 -3.56 -21.73
C ARG B 37 -28.60 -5.07 -21.83
N GLU B 38 -27.59 -5.66 -22.47
CA GLU B 38 -27.55 -7.12 -22.62
C GLU B 38 -26.99 -7.91 -21.43
N LYS B 39 -26.49 -7.25 -20.40
CA LYS B 39 -25.88 -8.00 -19.28
C LYS B 39 -26.91 -8.59 -18.37
N ASP B 40 -26.57 -9.65 -17.66
CA ASP B 40 -27.47 -10.25 -16.65
C ASP B 40 -27.90 -9.30 -15.54
N ILE B 41 -29.14 -9.41 -15.05
CA ILE B 41 -29.53 -8.58 -13.89
C ILE B 41 -28.50 -8.68 -12.78
N VAL B 42 -27.89 -9.86 -12.57
CA VAL B 42 -26.85 -9.98 -11.51
C VAL B 42 -25.69 -9.00 -11.73
N ILE B 43 -25.22 -8.87 -12.98
CA ILE B 43 -24.22 -7.86 -13.29
C ILE B 43 -24.80 -6.44 -13.17
N LYS B 44 -25.96 -6.19 -13.78
CA LYS B 44 -26.69 -4.93 -13.57
C LYS B 44 -26.85 -4.50 -12.09
N ARG B 45 -26.83 -5.46 -11.18
CA ARG B 45 -27.00 -5.22 -9.75
C ARG B 45 -25.70 -4.76 -9.07
N GLU B 46 -24.58 -5.33 -9.50
CA GLU B 46 -23.29 -4.83 -9.06
C GLU B 46 -23.15 -3.37 -9.53
N MET B 47 -23.47 -3.15 -10.80
CA MET B 47 -23.28 -1.83 -11.40
C MET B 47 -24.14 -0.75 -10.77
N VAL B 48 -25.34 -1.07 -10.28
CA VAL B 48 -26.10 -0.04 -9.61
C VAL B 48 -25.47 0.27 -8.27
N SER B 49 -24.84 -0.72 -7.65
CA SER B 49 -24.27 -0.48 -6.35
C SER B 49 -22.90 0.17 -6.42
N GLN B 50 -22.14 -0.04 -7.48
CA GLN B 50 -20.92 0.78 -7.72
C GLN B 50 -21.36 2.25 -7.90
N TYR B 51 -22.28 2.48 -8.85
CA TYR B 51 -22.79 3.80 -9.16
C TYR B 51 -23.32 4.52 -7.92
N LEU B 52 -24.00 3.78 -7.03
CA LEU B 52 -24.69 4.39 -5.88
C LEU B 52 -23.69 4.84 -4.84
N HIS B 53 -22.65 4.01 -4.71
CA HIS B 53 -21.50 4.32 -3.88
C HIS B 53 -20.77 5.56 -4.43
N THR B 54 -20.10 5.42 -5.56
CA THR B 54 -19.32 6.52 -6.16
C THR B 54 -20.13 7.81 -6.48
N SER B 55 -20.86 8.36 -5.51
CA SER B 55 -21.66 9.60 -5.65
C SER B 55 -22.00 10.31 -4.32
N SER B 64 -14.19 10.72 -6.50
CA SER B 64 -12.91 10.75 -5.80
C SER B 64 -12.28 12.16 -5.89
N SER B 65 -13.05 13.15 -5.42
CA SER B 65 -12.59 14.52 -5.06
C SER B 65 -13.71 15.44 -4.50
N ARG B 66 -13.48 16.75 -4.63
CA ARG B 66 -14.35 17.77 -4.05
C ARG B 66 -15.67 17.95 -4.86
N SER B 67 -16.70 18.49 -4.23
CA SER B 67 -17.99 18.73 -4.85
C SER B 67 -17.93 19.87 -5.84
N ALA B 68 -19.06 20.13 -6.50
CA ALA B 68 -19.16 21.28 -7.38
C ALA B 68 -18.82 22.56 -6.63
N MET B 69 -19.55 22.86 -5.55
CA MET B 69 -19.36 24.13 -4.87
C MET B 69 -17.95 24.35 -4.34
N MET B 70 -17.24 23.25 -4.00
CA MET B 70 -15.84 23.35 -3.53
C MET B 70 -14.88 23.84 -4.63
N TYR B 71 -15.09 23.39 -5.87
CA TYR B 71 -14.39 24.01 -7.02
C TYR B 71 -14.78 25.49 -7.22
N ILE B 72 -16.09 25.74 -7.30
CA ILE B 72 -16.56 27.08 -7.65
C ILE B 72 -15.91 28.09 -6.75
N GLN B 73 -15.69 27.73 -5.49
CA GLN B 73 -15.00 28.62 -4.57
C GLN B 73 -13.53 28.84 -4.88
N GLU B 74 -12.81 27.75 -5.16
CA GLU B 74 -11.41 27.85 -5.55
C GLU B 74 -11.27 28.80 -6.76
N LEU B 75 -12.16 28.63 -7.72
CA LEU B 75 -12.20 29.47 -8.89
C LEU B 75 -12.60 30.90 -8.61
N ARG B 76 -12.98 31.21 -7.38
CA ARG B 76 -13.40 32.56 -7.04
C ARG B 76 -12.37 33.24 -6.19
N SER B 77 -11.64 32.45 -5.41
CA SER B 77 -10.56 32.98 -4.58
C SER B 77 -9.33 33.44 -5.39
N GLY B 78 -9.46 33.49 -6.72
CA GLY B 78 -8.41 34.00 -7.62
C GLY B 78 -6.99 33.47 -7.44
N LEU B 79 -6.79 32.18 -7.70
CA LEU B 79 -5.46 31.59 -7.67
C LEU B 79 -4.68 31.95 -8.94
N ARG B 80 -3.38 31.68 -8.95
CA ARG B 80 -2.52 31.94 -10.14
C ARG B 80 -1.50 30.78 -10.36
N ASP B 81 -0.77 30.79 -11.49
CA ASP B 81 0.37 29.87 -11.71
C ASP B 81 0.04 28.39 -11.58
N MET B 82 0.99 27.58 -11.09
CA MET B 82 0.82 26.14 -10.84
C MET B 82 -0.44 25.84 -10.03
N HIS B 83 -0.81 26.76 -9.14
CA HIS B 83 -2.00 26.61 -8.30
C HIS B 83 -3.30 26.58 -9.09
N LEU B 84 -3.42 27.46 -10.07
CA LEU B 84 -4.60 27.52 -10.93
C LEU B 84 -4.64 26.26 -11.78
N LEU B 85 -3.52 25.94 -12.40
CA LEU B 85 -3.45 24.77 -13.27
C LEU B 85 -3.78 23.53 -12.47
N SER B 86 -3.11 23.40 -11.33
CA SER B 86 -3.32 22.26 -10.47
C SER B 86 -4.80 22.04 -10.20
N CYS B 87 -5.51 23.13 -9.94
CA CYS B 87 -6.92 23.07 -9.70
C CYS B 87 -7.69 22.83 -10.99
N LEU B 88 -7.35 23.53 -12.07
CA LEU B 88 -8.02 23.30 -13.34
C LEU B 88 -7.82 21.89 -13.86
N GLU B 89 -6.63 21.31 -13.64
CA GLU B 89 -6.41 19.95 -14.13
C GLU B 89 -7.34 18.94 -13.44
N SER B 90 -7.59 19.19 -12.17
CA SER B 90 -8.46 18.34 -11.41
C SER B 90 -9.92 18.59 -11.80
N LEU B 91 -10.33 19.85 -11.93
CA LEU B 91 -11.70 20.17 -12.39
C LEU B 91 -11.96 19.60 -13.79
N ARG B 92 -10.93 19.58 -14.63
CA ARG B 92 -11.04 18.97 -15.92
C ARG B 92 -11.46 17.51 -15.76
N VAL B 93 -10.86 16.78 -14.85
CA VAL B 93 -11.09 15.33 -14.79
C VAL B 93 -12.49 15.02 -14.27
N SER B 94 -12.99 15.90 -13.40
CA SER B 94 -14.32 15.72 -12.86
C SER B 94 -15.40 15.99 -13.94
N LEU B 95 -15.32 17.14 -14.62
CA LEU B 95 -16.31 17.50 -15.61
C LEU B 95 -16.29 16.36 -16.61
N ASN B 96 -15.11 15.80 -16.80
CA ASN B 96 -14.95 14.75 -17.76
C ASN B 96 -15.43 13.36 -17.35
N ASN B 97 -15.19 12.97 -16.10
CA ASN B 97 -15.44 11.61 -15.69
C ASN B 97 -16.60 11.36 -14.73
N ASN B 98 -17.24 12.43 -14.28
CA ASN B 98 -18.37 12.28 -13.36
C ASN B 98 -19.72 12.20 -14.06
N PRO B 99 -20.70 11.60 -13.40
CA PRO B 99 -22.13 11.69 -13.74
C PRO B 99 -22.55 13.04 -14.30
N VAL B 100 -23.08 13.06 -15.52
CA VAL B 100 -23.68 14.28 -16.07
C VAL B 100 -24.34 15.13 -14.99
N SER B 101 -24.90 14.51 -13.95
CA SER B 101 -25.57 15.28 -12.90
C SER B 101 -24.64 16.27 -12.17
N TRP B 102 -23.45 15.80 -11.82
CA TRP B 102 -22.39 16.63 -11.29
C TRP B 102 -22.19 17.91 -12.13
N VAL B 103 -22.09 17.75 -13.45
CA VAL B 103 -21.96 18.89 -14.36
C VAL B 103 -23.07 19.93 -14.16
N GLN B 104 -24.29 19.47 -13.92
CA GLN B 104 -25.43 20.38 -13.75
C GLN B 104 -25.35 21.12 -12.46
N THR B 105 -24.77 20.50 -11.44
CA THR B 105 -24.52 21.19 -10.19
C THR B 105 -23.47 22.27 -10.38
N PHE B 106 -22.44 21.93 -11.16
CA PHE B 106 -21.45 22.93 -11.55
C PHE B 106 -22.14 24.08 -12.31
N GLY B 107 -22.97 23.69 -13.28
CA GLY B 107 -24.05 24.53 -13.79
C GLY B 107 -23.67 25.85 -14.43
N ALA B 108 -24.63 26.79 -14.47
CA ALA B 108 -24.41 28.12 -15.07
C ALA B 108 -23.31 28.88 -14.35
N GLU B 109 -23.24 28.72 -13.04
CA GLU B 109 -22.23 29.44 -12.26
C GLU B 109 -20.82 29.01 -12.59
N GLY B 110 -20.49 27.74 -12.38
CA GLY B 110 -19.15 27.25 -12.69
C GLY B 110 -18.62 27.87 -13.97
N LEU B 111 -19.36 27.64 -15.07
CA LEU B 111 -19.13 28.23 -16.40
C LEU B 111 -18.85 29.74 -16.36
N ALA B 112 -19.69 30.48 -15.63
CA ALA B 112 -19.56 31.93 -15.66
C ALA B 112 -18.23 32.32 -15.04
N SER B 113 -17.77 31.55 -14.06
CA SER B 113 -16.53 31.90 -13.40
C SER B 113 -15.35 31.30 -14.16
N LEU B 114 -15.60 30.27 -14.94
CA LEU B 114 -14.58 29.69 -15.80
C LEU B 114 -14.23 30.74 -16.85
N LEU B 115 -15.24 31.30 -17.48
CA LEU B 115 -15.05 32.34 -18.47
C LEU B 115 -14.60 33.66 -17.84
N ASP B 116 -14.87 33.82 -16.55
CA ASP B 116 -14.35 34.96 -15.86
C ASP B 116 -12.83 34.86 -15.90
N ILE B 117 -12.29 33.72 -15.50
CA ILE B 117 -10.84 33.53 -15.47
C ILE B 117 -10.27 33.79 -16.87
N LEU B 118 -10.78 33.07 -17.86
CA LEU B 118 -10.40 33.28 -19.25
C LEU B 118 -10.28 34.75 -19.66
N LYS B 119 -11.27 35.57 -19.34
CA LYS B 119 -11.23 37.01 -19.64
C LYS B 119 -9.95 37.59 -19.08
N ARG B 120 -9.93 37.70 -17.74
CA ARG B 120 -8.85 38.28 -16.97
C ARG B 120 -7.50 37.79 -17.44
N LEU B 121 -7.48 36.60 -18.01
CA LEU B 121 -6.25 36.04 -18.54
C LEU B 121 -5.80 36.77 -19.80
N HIS B 122 -6.67 36.86 -20.80
CA HIS B 122 -6.33 37.64 -22.00
C HIS B 122 -5.78 39.07 -21.74
N ASP B 123 -6.15 39.67 -20.61
CA ASP B 123 -5.62 40.99 -20.22
C ASP B 123 -4.15 40.91 -19.74
N GLU B 124 -3.59 39.71 -19.86
CA GLU B 124 -2.17 39.48 -19.72
C GLU B 124 -1.48 39.50 -21.11
N LYS B 125 -2.27 39.35 -22.19
CA LYS B 125 -1.80 39.63 -23.57
C LYS B 125 -1.95 41.11 -23.93
N ASP B 133 0.39 32.43 -18.40
CA ASP B 133 0.55 31.10 -18.97
C ASP B 133 -0.63 30.67 -19.88
N SER B 134 -0.30 30.00 -20.97
CA SER B 134 -1.37 29.52 -21.81
C SER B 134 -1.78 28.10 -21.39
N ARG B 135 -0.92 27.41 -20.65
CA ARG B 135 -1.28 26.15 -19.98
C ARG B 135 -2.62 26.27 -19.22
N ASN B 136 -2.83 27.45 -18.63
CA ASN B 136 -4.06 27.79 -17.93
C ASN B 136 -5.25 28.03 -18.89
N GLN B 137 -5.11 28.95 -19.84
CA GLN B 137 -6.15 29.15 -20.84
C GLN B 137 -6.53 27.81 -21.45
N HIS B 138 -5.52 27.03 -21.80
CA HIS B 138 -5.74 25.72 -22.45
C HIS B 138 -6.61 24.80 -21.60
N GLU B 139 -6.27 24.71 -20.31
CA GLU B 139 -7.00 23.85 -19.38
C GLU B 139 -8.49 24.19 -19.26
N ILE B 140 -8.78 25.48 -19.13
CA ILE B 140 -10.14 25.96 -19.19
C ILE B 140 -10.87 25.42 -20.43
N ILE B 141 -10.31 25.65 -21.61
CA ILE B 141 -10.86 25.10 -22.85
C ILE B 141 -11.13 23.60 -22.69
N ARG B 142 -10.11 22.87 -22.26
CA ARG B 142 -10.26 21.45 -21.99
C ARG B 142 -11.50 21.16 -21.11
N CYS B 143 -11.64 21.93 -20.03
CA CYS B 143 -12.86 21.90 -19.17
C CYS B 143 -14.15 22.17 -19.97
N LEU B 144 -14.11 23.21 -20.78
CA LEU B 144 -15.26 23.65 -21.55
C LEU B 144 -15.67 22.54 -22.46
N LYS B 145 -14.65 21.91 -23.06
CA LYS B 145 -14.90 20.79 -23.96
C LYS B 145 -15.64 19.71 -23.21
N ALA B 146 -15.15 19.41 -22.01
CA ALA B 146 -15.77 18.41 -21.21
C ALA B 146 -17.18 18.85 -20.85
N PHE B 147 -17.36 20.12 -20.48
CA PHE B 147 -18.67 20.67 -20.13
C PHE B 147 -19.69 20.54 -21.30
N MET B 148 -19.26 20.78 -22.53
CA MET B 148 -20.14 20.78 -23.69
C MET B 148 -20.35 19.40 -24.32
N ASN B 149 -19.37 18.53 -24.17
CA ASN B 149 -19.59 17.09 -24.10
C ASN B 149 -21.02 16.55 -24.04
N ASN B 150 -21.99 17.39 -23.63
CA ASN B 150 -23.35 16.91 -23.35
C ASN B 150 -24.45 17.94 -23.55
N LYS B 151 -25.67 17.45 -23.67
CA LYS B 151 -26.78 18.31 -23.98
C LYS B 151 -26.98 19.49 -23.01
N PHE B 152 -26.90 19.23 -21.70
CA PHE B 152 -27.02 20.30 -20.71
C PHE B 152 -25.98 21.39 -20.93
N GLY B 153 -24.72 20.97 -21.05
CA GLY B 153 -23.57 21.82 -21.34
C GLY B 153 -23.78 22.74 -22.53
N ILE B 154 -23.85 22.18 -23.74
CA ILE B 154 -24.03 23.03 -24.93
C ILE B 154 -25.15 24.04 -24.75
N LYS B 155 -26.24 23.68 -24.06
CA LYS B 155 -27.34 24.63 -23.82
C LYS B 155 -26.91 25.83 -23.01
N THR B 156 -26.33 25.58 -21.84
CA THR B 156 -25.83 26.62 -20.96
C THR B 156 -24.72 27.45 -21.57
N MET B 157 -23.88 26.86 -22.40
CA MET B 157 -22.83 27.60 -23.11
C MET B 157 -23.46 28.59 -24.10
N LEU B 158 -24.52 28.16 -24.75
CA LEU B 158 -25.19 29.00 -25.74
C LEU B 158 -25.89 30.23 -25.19
N GLU B 159 -26.22 30.20 -23.89
CA GLU B 159 -26.88 31.31 -23.24
C GLU B 159 -25.86 32.30 -22.73
N THR B 160 -24.57 32.01 -22.88
CA THR B 160 -23.58 32.91 -22.29
C THR B 160 -23.27 34.00 -23.24
N GLU B 161 -23.05 35.18 -22.66
CA GLU B 161 -22.68 36.37 -23.40
C GLU B 161 -21.37 36.24 -24.19
N GLU B 162 -20.31 35.75 -23.54
CA GLU B 162 -18.97 35.73 -24.14
C GLU B 162 -18.45 34.33 -24.54
N GLY B 163 -19.20 33.29 -24.22
CA GLY B 163 -18.78 31.94 -24.56
C GLY B 163 -18.21 31.82 -25.95
N ILE B 164 -19.04 32.01 -26.97
CA ILE B 164 -18.58 31.85 -28.34
C ILE B 164 -17.37 32.74 -28.65
N LEU B 165 -17.52 34.02 -28.38
CA LEU B 165 -16.46 34.99 -28.53
C LEU B 165 -15.13 34.53 -27.89
N LEU B 166 -15.24 33.92 -26.71
CA LEU B 166 -14.07 33.49 -25.96
C LEU B 166 -13.42 32.23 -26.53
N LEU B 167 -14.22 31.36 -27.12
CA LEU B 167 -13.68 30.23 -27.84
C LEU B 167 -12.89 30.77 -29.03
N VAL B 168 -13.50 31.73 -29.74
CA VAL B 168 -12.92 32.33 -30.95
C VAL B 168 -11.58 32.94 -30.65
N ARG B 169 -11.51 33.72 -29.55
CA ARG B 169 -10.24 34.27 -29.03
C ARG B 169 -9.23 33.17 -28.77
N ALA B 170 -9.70 31.95 -28.55
CA ALA B 170 -8.83 30.79 -28.31
C ALA B 170 -8.24 30.13 -29.56
N MET B 171 -8.51 30.65 -30.75
CA MET B 171 -7.85 30.09 -31.90
C MET B 171 -6.56 30.85 -32.19
N ASP B 172 -5.49 30.47 -31.48
CA ASP B 172 -4.16 31.03 -31.71
C ASP B 172 -3.20 30.01 -32.31
N PRO B 173 -2.81 30.22 -33.58
CA PRO B 173 -1.85 29.35 -34.30
C PRO B 173 -0.57 29.00 -33.52
N ALA B 174 0.04 29.98 -32.84
CA ALA B 174 1.25 29.78 -32.03
C ALA B 174 1.05 28.88 -30.81
N VAL B 175 -0.21 28.74 -30.36
CA VAL B 175 -0.56 27.78 -29.30
C VAL B 175 -1.48 26.72 -29.95
N PRO B 176 -0.90 25.86 -30.82
CA PRO B 176 -1.64 24.98 -31.75
C PRO B 176 -2.72 24.07 -31.13
N ASN B 177 -2.39 23.36 -30.07
CA ASN B 177 -3.32 22.37 -29.52
C ASN B 177 -4.60 22.97 -28.97
N MET B 178 -4.48 24.16 -28.39
CA MET B 178 -5.63 24.92 -27.91
C MET B 178 -6.47 25.42 -29.08
N MET B 179 -5.80 25.88 -30.14
CA MET B 179 -6.51 26.15 -31.39
C MET B 179 -7.30 24.95 -31.89
N ILE B 180 -6.71 23.74 -31.89
CA ILE B 180 -7.44 22.57 -32.35
C ILE B 180 -8.73 22.35 -31.55
N ASP B 181 -8.57 22.19 -30.24
CA ASP B 181 -9.69 22.02 -29.29
C ASP B 181 -10.80 23.06 -29.47
N ALA B 182 -10.44 24.35 -29.46
CA ALA B 182 -11.41 25.44 -29.70
C ALA B 182 -12.13 25.34 -31.08
N ALA B 183 -11.35 25.06 -32.12
CA ALA B 183 -11.86 24.90 -33.46
C ALA B 183 -12.99 23.86 -33.55
N LYS B 184 -12.77 22.68 -32.98
CA LYS B 184 -13.71 21.55 -33.07
C LYS B 184 -14.97 21.93 -32.36
N LEU B 185 -14.78 22.65 -31.27
CA LEU B 185 -15.81 22.92 -30.35
C LEU B 185 -16.74 23.89 -31.09
N LEU B 186 -16.13 24.83 -31.80
CA LEU B 186 -16.87 25.76 -32.64
C LEU B 186 -17.51 25.08 -33.83
N SER B 187 -16.85 24.09 -34.42
CA SER B 187 -17.38 23.34 -35.57
C SER B 187 -18.65 22.59 -35.22
N ALA B 188 -18.67 22.00 -34.02
CA ALA B 188 -19.85 21.29 -33.48
C ALA B 188 -21.05 22.24 -33.39
N LEU B 189 -20.81 23.43 -32.82
CA LEU B 189 -21.78 24.54 -32.79
C LEU B 189 -22.42 24.91 -34.16
N CYS B 190 -21.61 25.18 -35.19
CA CYS B 190 -22.11 25.63 -36.48
C CYS B 190 -23.17 24.69 -37.08
N ILE B 191 -23.12 23.43 -36.67
CA ILE B 191 -23.84 22.29 -37.29
C ILE B 191 -25.13 21.97 -36.48
N LEU B 192 -25.32 22.71 -35.41
CA LEU B 192 -26.49 22.61 -34.56
C LEU B 192 -27.73 23.16 -35.28
N PRO B 193 -28.79 22.32 -35.40
CA PRO B 193 -30.05 22.79 -35.97
C PRO B 193 -30.82 23.60 -34.95
N GLN B 194 -30.99 23.03 -33.76
CA GLN B 194 -32.00 23.47 -32.75
C GLN B 194 -32.19 24.99 -32.62
N PRO B 195 -31.08 25.74 -32.35
CA PRO B 195 -31.11 27.21 -32.45
C PRO B 195 -30.62 27.64 -33.84
N GLU B 196 -31.43 28.46 -34.49
CA GLU B 196 -31.25 28.87 -35.90
C GLU B 196 -29.97 29.66 -36.15
N ASP B 197 -29.40 29.43 -37.32
CA ASP B 197 -28.28 30.21 -37.85
C ASP B 197 -27.03 30.23 -36.95
N MET B 198 -26.71 29.07 -36.39
CA MET B 198 -25.60 28.95 -35.47
C MET B 198 -24.27 29.34 -36.09
N ASN B 199 -24.06 28.94 -37.34
CA ASN B 199 -22.82 29.27 -38.06
C ASN B 199 -22.60 30.74 -38.06
N GLU B 200 -23.70 31.47 -38.14
CA GLU B 200 -23.67 32.94 -38.20
C GLU B 200 -23.33 33.53 -36.87
N ARG B 201 -23.79 32.87 -35.80
CA ARG B 201 -23.44 33.28 -34.44
C ARG B 201 -21.92 33.26 -34.35
N VAL B 202 -21.37 32.09 -34.62
CA VAL B 202 -19.95 31.89 -34.67
C VAL B 202 -19.23 32.92 -35.56
N LEU B 203 -19.70 33.13 -36.79
CA LEU B 203 -19.00 33.96 -37.77
C LEU B 203 -18.92 35.38 -37.27
N GLU B 204 -20.03 35.84 -36.66
CA GLU B 204 -20.11 37.16 -36.02
C GLU B 204 -19.02 37.35 -35.00
N ALA B 205 -18.72 36.30 -34.25
CA ALA B 205 -17.70 36.34 -33.21
C ALA B 205 -16.32 36.47 -33.83
N MET B 206 -16.13 35.76 -34.93
CA MET B 206 -14.90 35.86 -35.64
C MET B 206 -14.81 37.26 -36.22
N THR B 207 -15.93 37.76 -36.78
CA THR B 207 -15.96 39.12 -37.35
C THR B 207 -15.52 40.12 -36.29
N GLU B 208 -16.23 40.08 -35.14
CA GLU B 208 -16.05 41.00 -34.04
C GLU B 208 -14.59 41.13 -33.67
N ARG B 209 -13.97 40.01 -33.29
CA ARG B 209 -12.57 39.99 -32.90
C ARG B 209 -11.65 40.60 -33.97
N ALA B 210 -12.01 40.39 -35.24
CA ALA B 210 -11.18 40.86 -36.35
C ALA B 210 -11.18 42.37 -36.48
N GLU B 211 -12.36 43.01 -36.35
CA GLU B 211 -12.49 44.47 -36.21
C GLU B 211 -11.73 44.93 -34.97
N MET B 212 -11.73 44.06 -33.97
CA MET B 212 -11.08 44.30 -32.69
C MET B 212 -9.54 44.31 -32.81
N ASP B 213 -8.99 43.69 -33.85
CA ASP B 213 -7.60 43.91 -34.19
C ASP B 213 -7.55 44.57 -35.57
N GLU B 214 -6.37 44.79 -36.11
CA GLU B 214 -6.33 45.34 -37.45
C GLU B 214 -6.14 44.19 -38.43
N VAL B 215 -7.06 43.23 -38.41
CA VAL B 215 -6.82 41.95 -39.02
C VAL B 215 -8.02 41.36 -39.74
N GLU B 216 -7.71 40.51 -40.72
CA GLU B 216 -8.70 39.84 -41.58
C GLU B 216 -9.29 38.65 -40.86
N ARG B 217 -10.61 38.47 -40.94
CA ARG B 217 -11.28 37.46 -40.08
C ARG B 217 -10.93 35.96 -40.30
N PHE B 218 -10.54 35.56 -41.52
CA PHE B 218 -10.11 34.17 -41.70
C PHE B 218 -8.61 34.15 -41.63
N GLN B 219 -8.02 35.18 -41.08
CA GLN B 219 -6.58 35.15 -40.93
C GLN B 219 -6.09 33.97 -40.09
N PRO B 220 -6.67 33.75 -38.87
CA PRO B 220 -6.11 32.67 -38.07
C PRO B 220 -6.29 31.33 -38.76
N LEU B 221 -7.37 31.14 -39.50
CA LEU B 221 -7.56 29.88 -40.21
C LEU B 221 -6.54 29.66 -41.30
N LEU B 222 -6.38 30.62 -42.20
CA LEU B 222 -5.30 30.46 -43.19
C LEU B 222 -3.94 30.25 -42.53
N ASP B 223 -3.73 30.86 -41.36
CA ASP B 223 -2.44 30.79 -40.72
C ASP B 223 -2.13 29.39 -40.26
N GLY B 224 -3.19 28.68 -39.88
CA GLY B 224 -3.09 27.32 -39.33
C GLY B 224 -3.06 26.27 -40.43
N LEU B 225 -3.44 26.70 -41.64
CA LEU B 225 -3.29 25.87 -42.81
C LEU B 225 -1.85 25.93 -43.31
N LYS B 226 -1.17 27.05 -43.07
CA LYS B 226 0.26 27.22 -43.48
C LYS B 226 1.13 25.94 -43.27
N SER B 227 2.15 25.73 -44.10
CA SER B 227 2.86 24.46 -44.01
C SER B 227 3.74 24.48 -42.77
N GLY B 228 3.99 23.32 -42.18
CA GLY B 228 4.86 23.28 -41.02
C GLY B 228 4.11 23.52 -39.71
N THR B 229 2.78 23.65 -39.79
CA THR B 229 1.90 23.47 -38.64
C THR B 229 1.44 22.03 -38.65
N SER B 230 1.34 21.42 -37.47
CA SER B 230 0.87 20.03 -37.30
C SER B 230 -0.35 19.75 -38.15
N ILE B 231 -0.33 18.58 -38.78
CA ILE B 231 -1.41 18.10 -39.63
C ILE B 231 -2.74 18.25 -38.90
N ALA B 232 -2.75 17.90 -37.62
CA ALA B 232 -3.93 18.04 -36.80
C ALA B 232 -4.50 19.48 -36.85
N LEU B 233 -3.61 20.48 -36.80
CA LEU B 233 -4.03 21.87 -36.88
C LEU B 233 -4.69 22.19 -38.24
N LYS B 234 -4.00 21.80 -39.32
CA LYS B 234 -4.53 21.95 -40.69
C LYS B 234 -5.94 21.36 -40.83
N VAL B 235 -6.13 20.13 -40.38
CA VAL B 235 -7.39 19.43 -40.56
C VAL B 235 -8.55 20.22 -39.97
N GLY B 236 -8.41 20.57 -38.70
CA GLY B 236 -9.47 21.22 -37.97
C GLY B 236 -9.70 22.62 -38.45
N CYS B 237 -8.66 23.24 -39.03
CA CYS B 237 -8.85 24.52 -39.72
C CYS B 237 -9.83 24.36 -40.87
N LEU B 238 -9.53 23.43 -41.79
CA LEU B 238 -10.42 23.15 -42.91
C LEU B 238 -11.79 22.69 -42.44
N GLN B 239 -11.81 21.96 -41.35
CA GLN B 239 -13.06 21.53 -40.80
C GLN B 239 -14.01 22.70 -40.40
N LEU B 240 -13.44 23.81 -39.94
CA LEU B 240 -14.28 24.90 -39.43
C LEU B 240 -14.84 25.66 -40.60
N ILE B 241 -13.98 25.78 -41.62
CA ILE B 241 -14.35 26.41 -42.89
C ILE B 241 -15.56 25.66 -43.45
N ASN B 242 -15.47 24.34 -43.56
CA ASN B 242 -16.59 23.57 -43.99
C ASN B 242 -17.81 23.73 -43.05
N ALA B 243 -17.56 23.79 -41.74
CA ALA B 243 -18.65 23.85 -40.77
C ALA B 243 -19.40 25.16 -40.90
N LEU B 244 -18.69 26.24 -41.24
CA LEU B 244 -19.31 27.55 -41.47
C LEU B 244 -20.20 27.62 -42.74
N ILE B 245 -19.87 26.80 -43.73
CA ILE B 245 -20.48 26.87 -45.05
C ILE B 245 -21.58 25.83 -45.31
N THR B 246 -21.34 24.57 -44.95
CA THR B 246 -22.31 23.49 -45.14
C THR B 246 -23.75 23.81 -44.71
N PRO B 247 -23.94 24.13 -43.43
CA PRO B 247 -25.26 24.25 -42.85
C PRO B 247 -26.02 25.48 -43.28
N ALA B 248 -25.42 26.32 -44.09
CA ALA B 248 -26.07 27.57 -44.46
C ALA B 248 -27.17 27.33 -45.49
N GLU B 249 -28.39 27.84 -45.26
CA GLU B 249 -29.49 27.63 -46.24
C GLU B 249 -29.37 28.49 -47.47
N GLU B 250 -28.71 29.63 -47.36
CA GLU B 250 -28.67 30.57 -48.48
C GLU B 250 -27.45 30.40 -49.40
N LEU B 251 -27.71 30.08 -50.68
CA LEU B 251 -26.67 30.05 -51.70
C LEU B 251 -25.71 31.25 -51.58
N ASP B 252 -26.28 32.45 -51.44
CA ASP B 252 -25.55 33.71 -51.35
C ASP B 252 -24.49 33.69 -50.29
N PHE B 253 -24.86 33.27 -49.09
CA PHE B 253 -23.92 33.20 -47.99
C PHE B 253 -22.80 32.28 -48.42
N ARG B 254 -23.23 31.18 -49.02
CA ARG B 254 -22.32 30.12 -49.36
C ARG B 254 -21.35 30.52 -50.47
N VAL B 255 -21.81 31.20 -51.52
CA VAL B 255 -20.82 31.59 -52.50
C VAL B 255 -20.01 32.71 -51.93
N HIS B 256 -20.64 33.55 -51.10
CA HIS B 256 -19.96 34.73 -50.54
C HIS B 256 -18.75 34.34 -49.77
N ILE B 257 -18.93 33.61 -48.68
CA ILE B 257 -17.76 33.44 -47.82
C ILE B 257 -16.71 32.56 -48.51
N ARG B 258 -17.13 31.60 -49.35
CA ARG B 258 -16.12 30.89 -50.17
C ARG B 258 -15.20 31.87 -50.92
N SER B 259 -15.79 32.82 -51.63
CA SER B 259 -15.03 33.81 -52.35
C SER B 259 -14.13 34.66 -51.46
N GLU B 260 -14.59 35.05 -50.26
CA GLU B 260 -13.71 35.79 -49.37
C GLU B 260 -12.36 35.04 -49.16
N LEU B 261 -12.42 33.74 -48.84
CA LEU B 261 -11.26 32.93 -48.55
C LEU B 261 -10.45 32.81 -49.82
N MET B 262 -11.18 32.66 -50.93
CA MET B 262 -10.55 32.33 -52.18
C MET B 262 -9.75 33.53 -52.68
N ARG B 263 -10.32 34.71 -52.47
CA ARG B 263 -9.66 36.01 -52.60
C ARG B 263 -8.35 36.06 -51.81
N LEU B 264 -8.36 35.55 -50.58
CA LEU B 264 -7.20 35.65 -49.69
C LEU B 264 -6.20 34.53 -49.91
N GLY B 265 -6.35 33.78 -51.01
CA GLY B 265 -5.37 32.76 -51.41
C GLY B 265 -5.63 31.34 -50.94
N LEU B 266 -6.86 31.04 -50.54
CA LEU B 266 -7.14 29.73 -50.03
C LEU B 266 -6.78 28.65 -51.03
N HIS B 267 -6.97 28.91 -52.33
CA HIS B 267 -6.64 27.87 -53.35
C HIS B 267 -5.18 27.46 -53.27
N GLN B 268 -4.31 28.46 -53.24
CA GLN B 268 -2.90 28.16 -53.16
C GLN B 268 -2.54 27.43 -51.88
N VAL B 269 -3.12 27.79 -50.74
CA VAL B 269 -2.74 27.07 -49.51
C VAL B 269 -3.23 25.60 -49.50
N LEU B 270 -4.30 25.34 -50.26
CA LEU B 270 -4.86 24.01 -50.43
C LEU B 270 -3.97 23.04 -51.20
N GLN B 271 -3.27 23.54 -52.22
CA GLN B 271 -2.44 22.67 -53.05
C GLN B 271 -1.45 21.74 -52.35
N GLU B 272 -0.68 22.18 -51.36
CA GLU B 272 0.32 21.23 -50.88
C GLU B 272 -0.24 20.26 -49.85
N LEU B 273 -1.45 20.57 -49.37
CA LEU B 273 -2.21 19.65 -48.49
C LEU B 273 -2.72 18.42 -49.22
N ARG B 274 -3.02 18.55 -50.51
CA ARG B 274 -3.65 17.50 -51.32
C ARG B 274 -2.78 16.30 -51.59
N GLU B 275 -1.65 16.23 -50.88
CA GLU B 275 -0.69 15.19 -51.12
C GLU B 275 -0.34 14.51 -49.81
N ILE B 276 -0.83 15.08 -48.71
CA ILE B 276 -0.75 14.49 -47.39
C ILE B 276 -1.65 13.27 -47.36
N GLU B 277 -1.04 12.12 -47.10
CA GLU B 277 -1.77 10.87 -46.90
C GLU B 277 -2.43 10.83 -45.52
N ASN B 278 -3.50 11.59 -45.31
CA ASN B 278 -4.18 11.59 -44.00
C ASN B 278 -5.71 11.49 -44.07
N GLU B 279 -6.25 10.45 -43.49
CA GLU B 279 -7.64 10.07 -43.71
C GLU B 279 -8.59 11.26 -43.49
N ASP B 280 -8.37 12.00 -42.41
CA ASP B 280 -9.19 13.15 -42.11
C ASP B 280 -8.97 14.30 -43.06
N MET B 281 -7.72 14.68 -43.28
CA MET B 281 -7.41 15.74 -44.26
C MET B 281 -8.01 15.44 -45.62
N LYS B 282 -7.88 14.20 -46.08
CA LYS B 282 -8.53 13.82 -47.30
C LYS B 282 -10.05 14.05 -47.30
N VAL B 283 -10.72 13.77 -46.18
CA VAL B 283 -12.19 13.94 -46.12
C VAL B 283 -12.64 15.40 -46.24
N GLN B 284 -11.93 16.32 -45.58
CA GLN B 284 -12.30 17.73 -45.62
C GLN B 284 -12.07 18.36 -47.00
N LEU B 285 -11.00 17.97 -47.69
CA LEU B 285 -10.80 18.43 -49.04
C LEU B 285 -11.92 17.98 -49.95
N CYS B 286 -12.30 16.71 -49.89
CA CYS B 286 -13.46 16.27 -50.67
C CYS B 286 -14.73 17.07 -50.32
N VAL B 287 -14.99 17.34 -49.04
CA VAL B 287 -16.20 18.08 -48.69
C VAL B 287 -16.10 19.47 -49.26
N PHE B 288 -14.97 20.11 -49.04
CA PHE B 288 -14.71 21.42 -49.59
C PHE B 288 -14.85 21.45 -51.12
N ASP B 289 -14.07 20.66 -51.84
CA ASP B 289 -14.18 20.69 -53.30
C ASP B 289 -15.60 20.56 -53.79
N GLU B 290 -16.29 19.51 -53.34
CA GLU B 290 -17.64 19.19 -53.82
C GLU B 290 -18.65 20.25 -53.48
N GLN B 291 -18.43 20.96 -52.35
CA GLN B 291 -19.28 22.06 -51.93
C GLN B 291 -19.23 23.10 -53.01
N GLY B 292 -18.02 23.27 -53.55
CA GLY B 292 -17.71 24.28 -54.54
C GLY B 292 -18.46 23.99 -55.79
N ASP B 293 -18.42 22.74 -56.20
CA ASP B 293 -18.96 22.42 -57.50
C ASP B 293 -20.44 22.69 -57.49
N GLU B 294 -21.07 22.24 -56.41
CA GLU B 294 -22.50 22.26 -56.30
C GLU B 294 -23.05 23.67 -56.15
N ASP B 295 -22.64 24.35 -55.09
CA ASP B 295 -22.84 25.80 -54.98
C ASP B 295 -22.73 26.53 -56.32
N PHE B 296 -21.64 26.31 -57.05
CA PHE B 296 -21.42 27.11 -58.25
C PHE B 296 -22.13 26.59 -59.50
N PHE B 297 -22.39 25.30 -59.56
CA PHE B 297 -23.28 24.80 -60.60
C PHE B 297 -24.65 25.49 -60.48
N ASP B 298 -24.98 25.82 -59.22
CA ASP B 298 -26.29 26.33 -58.85
C ASP B 298 -26.40 27.81 -59.17
N LEU B 299 -25.32 28.54 -58.86
CA LEU B 299 -25.28 29.95 -59.15
C LEU B 299 -25.45 30.14 -60.66
N LYS B 300 -24.80 29.29 -61.44
CA LYS B 300 -24.91 29.34 -62.89
C LYS B 300 -26.36 29.15 -63.33
N GLY B 301 -27.11 28.39 -62.55
CA GLY B 301 -28.47 28.06 -62.90
C GLY B 301 -29.39 29.20 -62.53
N ARG B 302 -28.97 29.99 -61.54
CA ARG B 302 -29.62 31.26 -61.25
C ARG B 302 -29.39 32.25 -62.39
N LEU B 303 -28.20 32.20 -62.98
CA LEU B 303 -27.90 33.07 -64.10
C LEU B 303 -28.91 32.80 -65.22
N ASP B 304 -29.04 31.54 -65.60
CA ASP B 304 -30.00 31.14 -66.61
C ASP B 304 -31.38 31.73 -66.36
N ASP B 305 -31.81 31.79 -65.10
CA ASP B 305 -33.09 32.43 -64.75
C ASP B 305 -33.08 33.95 -65.01
N ILE B 306 -32.22 34.71 -64.29
CA ILE B 306 -31.98 36.12 -64.57
C ILE B 306 -31.96 36.40 -66.08
N ARG B 307 -31.24 35.61 -66.87
CA ARG B 307 -31.17 35.86 -68.31
C ARG B 307 -32.52 35.87 -68.99
N MET B 308 -33.47 35.14 -68.42
CA MET B 308 -34.84 35.13 -68.93
C MET B 308 -35.62 36.34 -68.38
N GLU B 309 -35.65 36.53 -67.05
CA GLU B 309 -36.27 37.69 -66.38
C GLU B 309 -35.80 39.06 -66.90
N MET B 310 -34.49 39.30 -66.87
CA MET B 310 -34.00 40.60 -67.23
C MET B 310 -33.21 40.63 -68.53
N ASP B 311 -33.95 40.58 -69.64
CA ASP B 311 -33.37 40.50 -70.99
C ASP B 311 -33.13 41.83 -71.69
N ASP B 312 -33.18 42.95 -70.97
CA ASP B 312 -32.90 44.30 -71.53
C ASP B 312 -32.70 45.39 -70.46
N PHE B 313 -32.21 46.55 -70.89
CA PHE B 313 -31.81 47.56 -69.92
C PHE B 313 -32.97 48.14 -69.12
N GLY B 314 -34.16 48.15 -69.72
CA GLY B 314 -35.39 48.53 -69.02
C GLY B 314 -35.63 47.68 -67.77
N GLU B 315 -35.37 46.38 -67.85
CA GLU B 315 -35.41 45.58 -66.64
C GLU B 315 -34.23 45.89 -65.72
N VAL B 316 -33.05 46.06 -66.33
CA VAL B 316 -31.84 46.25 -65.54
C VAL B 316 -31.90 47.54 -64.76
N PHE B 317 -32.31 48.62 -65.43
CA PHE B 317 -32.33 49.97 -64.85
C PHE B 317 -33.23 50.04 -63.62
N GLN B 318 -34.39 49.43 -63.79
CA GLN B 318 -35.37 49.28 -62.75
C GLN B 318 -34.85 48.51 -61.52
N ILE B 319 -34.19 47.39 -61.75
CA ILE B 319 -33.59 46.68 -60.62
C ILE B 319 -32.64 47.62 -59.85
N ILE B 320 -31.64 48.19 -60.53
CA ILE B 320 -30.70 49.13 -59.91
C ILE B 320 -31.45 50.18 -59.04
N LEU B 321 -32.35 50.93 -59.64
CA LEU B 321 -33.05 51.96 -58.89
C LEU B 321 -33.84 51.41 -57.70
N ASN B 322 -34.22 50.14 -57.73
CA ASN B 322 -35.03 49.59 -56.64
C ASN B 322 -34.28 48.87 -55.56
N THR B 323 -33.03 48.51 -55.83
CA THR B 323 -32.40 47.38 -55.20
C THR B 323 -30.99 47.78 -54.89
N VAL B 324 -30.49 48.76 -55.63
CA VAL B 324 -29.15 49.23 -55.32
C VAL B 324 -29.21 50.67 -54.88
N LYS B 325 -29.97 51.48 -55.62
CA LYS B 325 -29.95 52.92 -55.46
C LYS B 325 -29.78 53.48 -54.04
N ASP B 326 -30.71 53.26 -53.13
CA ASP B 326 -30.46 53.96 -51.90
C ASP B 326 -30.09 53.07 -50.73
N SER B 327 -29.22 52.09 -51.02
CA SER B 327 -28.75 51.10 -50.08
C SER B 327 -27.25 51.24 -49.93
N LYS B 328 -26.71 50.64 -48.87
CA LYS B 328 -25.27 50.54 -48.68
C LYS B 328 -24.58 49.77 -49.79
N ALA B 329 -25.30 49.06 -50.64
CA ALA B 329 -24.63 48.48 -51.82
C ALA B 329 -24.17 49.55 -52.83
N GLU B 330 -24.71 50.76 -52.72
CA GLU B 330 -24.60 51.72 -53.80
C GLU B 330 -23.17 52.08 -54.18
N PRO B 331 -22.35 52.56 -53.21
CA PRO B 331 -21.08 53.14 -53.63
C PRO B 331 -20.22 52.10 -54.34
N HIS B 332 -20.34 50.84 -53.91
CA HIS B 332 -19.57 49.74 -54.51
C HIS B 332 -20.03 49.41 -55.89
N PHE B 333 -21.34 49.56 -56.10
CA PHE B 333 -21.93 49.27 -57.37
C PHE B 333 -21.48 50.35 -58.35
N LEU B 334 -21.80 51.60 -58.05
CA LEU B 334 -21.29 52.71 -58.85
C LEU B 334 -19.83 52.49 -59.30
N SER B 335 -18.96 52.14 -58.34
CA SER B 335 -17.52 52.02 -58.56
C SER B 335 -17.22 50.95 -59.63
N ILE B 336 -18.03 49.90 -59.64
CA ILE B 336 -17.92 48.91 -60.67
C ILE B 336 -18.33 49.51 -62.02
N LEU B 337 -19.57 50.02 -62.14
CA LEU B 337 -19.98 50.67 -63.40
C LEU B 337 -18.95 51.66 -63.92
N GLN B 338 -18.40 52.45 -63.01
CA GLN B 338 -17.33 53.39 -63.30
C GLN B 338 -16.11 52.70 -63.91
N HIS B 339 -15.68 51.58 -63.34
CA HIS B 339 -14.58 50.83 -63.97
C HIS B 339 -15.05 50.25 -65.29
N LEU B 340 -16.31 49.87 -65.45
CA LEU B 340 -16.64 49.28 -66.73
C LEU B 340 -16.69 50.31 -67.87
N LEU B 341 -16.69 51.61 -67.55
CA LEU B 341 -16.82 52.59 -68.62
C LEU B 341 -15.61 53.54 -68.68
N LEU B 342 -14.45 52.93 -68.50
CA LEU B 342 -13.18 53.59 -68.67
C LEU B 342 -12.85 53.83 -70.12
N VAL B 343 -13.15 52.86 -71.00
CA VAL B 343 -12.88 53.02 -72.45
C VAL B 343 -13.62 54.19 -73.02
N ARG B 344 -12.93 54.95 -73.86
CA ARG B 344 -13.59 55.91 -74.70
C ARG B 344 -14.67 55.21 -75.55
N ASN B 345 -15.81 55.88 -75.65
CA ASN B 345 -16.95 55.52 -76.52
C ASN B 345 -16.61 55.36 -77.99
N ASP B 346 -15.75 56.24 -78.52
CA ASP B 346 -15.17 56.22 -79.88
C ASP B 346 -14.41 54.96 -80.29
N TYR B 347 -13.82 54.26 -79.31
CA TYR B 347 -12.82 53.21 -79.60
C TYR B 347 -13.33 52.21 -80.63
N GLU B 348 -12.57 52.04 -81.71
CA GLU B 348 -13.00 51.24 -82.86
C GLU B 348 -13.20 49.78 -82.53
N ALA B 349 -12.92 49.34 -81.30
CA ALA B 349 -13.04 47.90 -80.98
C ALA B 349 -13.73 47.53 -79.68
N ARG B 350 -14.45 48.47 -79.06
CA ARG B 350 -15.17 48.15 -77.79
C ARG B 350 -16.00 46.87 -77.77
N PRO B 351 -16.76 46.55 -78.86
CA PRO B 351 -17.37 45.21 -78.85
C PRO B 351 -16.38 44.14 -78.43
N GLN B 352 -15.24 44.09 -79.12
CA GLN B 352 -14.27 43.05 -78.88
C GLN B 352 -13.83 43.15 -77.42
N TYR B 353 -13.62 44.38 -76.94
CA TYR B 353 -13.24 44.66 -75.54
C TYR B 353 -14.25 44.19 -74.48
N TYR B 354 -15.54 44.49 -74.64
CA TYR B 354 -16.51 43.95 -73.71
C TYR B 354 -16.69 42.40 -73.76
N LYS B 355 -16.58 41.80 -74.95
CA LYS B 355 -16.69 40.33 -75.06
C LYS B 355 -15.66 39.74 -74.15
N LEU B 356 -14.56 40.46 -74.01
CA LEU B 356 -13.45 40.04 -73.16
C LEU B 356 -13.72 40.30 -71.65
N ILE B 357 -14.00 41.57 -71.30
CA ILE B 357 -14.28 41.95 -69.92
C ILE B 357 -15.32 41.03 -69.33
N GLU B 358 -16.24 40.60 -70.18
CA GLU B 358 -17.34 39.78 -69.76
C GLU B 358 -16.88 38.39 -69.31
N GLU B 359 -15.86 37.86 -69.98
CA GLU B 359 -15.33 36.54 -69.62
C GLU B 359 -14.62 36.57 -68.29
N CYS B 360 -13.90 37.66 -68.07
CA CYS B 360 -13.29 37.92 -66.79
C CYS B 360 -14.33 38.03 -65.69
N VAL B 361 -15.27 38.95 -65.87
CA VAL B 361 -16.30 39.17 -64.87
C VAL B 361 -17.02 37.85 -64.58
N SER B 362 -17.29 37.09 -65.63
CA SER B 362 -17.97 35.81 -65.44
C SER B 362 -17.17 34.84 -64.57
N GLN B 363 -15.89 34.75 -64.89
CA GLN B 363 -15.01 33.94 -64.08
C GLN B 363 -15.04 34.44 -62.61
N ILE B 364 -14.90 35.75 -62.41
CA ILE B 364 -14.89 36.32 -61.06
C ILE B 364 -16.14 35.90 -60.25
N VAL B 365 -17.30 35.95 -60.89
CA VAL B 365 -18.57 35.63 -60.25
C VAL B 365 -18.98 34.13 -60.30
N LEU B 366 -18.58 33.38 -61.31
CA LEU B 366 -19.14 32.03 -61.47
C LEU B 366 -18.20 30.83 -61.28
N HIS B 367 -16.90 31.01 -61.24
CA HIS B 367 -15.96 29.88 -61.09
C HIS B 367 -15.61 29.87 -59.60
N LYS B 368 -15.50 28.69 -59.00
CA LYS B 368 -15.40 28.61 -57.52
C LYS B 368 -14.06 29.04 -56.90
N ASN B 369 -13.04 29.24 -57.75
CA ASN B 369 -11.76 29.76 -57.28
C ASN B 369 -11.54 31.06 -58.02
N GLY B 370 -12.66 31.72 -58.30
CA GLY B 370 -12.71 32.89 -59.18
C GLY B 370 -12.17 34.19 -58.64
N THR B 371 -12.22 34.37 -57.33
CA THR B 371 -11.76 35.60 -56.72
C THR B 371 -10.22 35.59 -56.51
N ASP B 372 -9.60 34.46 -56.78
CA ASP B 372 -8.14 34.31 -56.82
C ASP B 372 -7.39 35.53 -57.30
N PRO B 373 -6.39 36.02 -56.50
CA PRO B 373 -5.51 37.07 -57.03
C PRO B 373 -4.74 36.64 -58.27
N ASP B 374 -4.46 35.34 -58.43
CA ASP B 374 -3.77 34.92 -59.66
C ASP B 374 -4.10 33.55 -60.28
N PHE B 375 -5.13 33.56 -61.10
CA PHE B 375 -5.62 32.40 -61.84
C PHE B 375 -4.63 31.89 -62.95
N MET C 1 -15.43 -14.39 -7.83
CA MET C 1 -15.19 -13.32 -8.84
C MET C 1 -15.72 -11.94 -8.41
N ALA C 2 -14.82 -11.08 -7.90
CA ALA C 2 -15.06 -9.61 -7.86
C ALA C 2 -15.18 -9.01 -6.47
N ALA C 3 -15.42 -9.84 -5.46
CA ALA C 3 -15.45 -9.30 -4.09
C ALA C 3 -14.06 -8.90 -3.53
N ILE C 4 -14.01 -7.75 -2.87
CA ILE C 4 -12.78 -7.33 -2.22
C ILE C 4 -12.53 -8.24 -1.03
N ARG C 5 -11.34 -8.82 -0.95
CA ARG C 5 -10.96 -9.70 0.16
C ARG C 5 -9.75 -9.20 0.98
N LYS C 6 -9.96 -9.01 2.28
CA LYS C 6 -8.89 -8.49 3.15
C LYS C 6 -8.44 -9.58 4.13
N LYS C 7 -7.13 -9.70 4.33
CA LYS C 7 -6.58 -10.67 5.31
C LYS C 7 -6.48 -10.05 6.72
N LEU C 8 -7.02 -10.80 7.69
CA LEU C 8 -7.12 -10.32 9.05
C LEU C 8 -6.46 -11.34 9.98
N VAL C 9 -5.55 -10.89 10.84
CA VAL C 9 -4.75 -11.78 11.71
C VAL C 9 -4.92 -11.33 13.16
N ILE C 10 -5.24 -12.28 14.02
CA ILE C 10 -5.48 -11.98 15.43
C ILE C 10 -4.36 -12.60 16.31
N VAL C 11 -3.73 -11.80 17.14
CA VAL C 11 -2.64 -12.28 17.96
C VAL C 11 -2.99 -11.97 19.39
N GLY C 12 -2.26 -12.53 20.36
CA GLY C 12 -2.49 -12.16 21.77
C GLY C 12 -2.14 -13.21 22.81
N ASP C 13 -2.03 -12.80 24.07
CA ASP C 13 -1.58 -13.66 25.15
C ASP C 13 -2.46 -14.89 25.21
N GLY C 14 -1.83 -16.05 25.41
CA GLY C 14 -2.49 -17.35 25.46
C GLY C 14 -3.74 -17.35 26.32
N ALA C 15 -4.76 -18.07 25.85
CA ALA C 15 -6.08 -18.10 26.49
C ALA C 15 -6.61 -16.71 26.89
N CYS C 16 -7.02 -15.89 25.93
CA CYS C 16 -7.49 -14.55 26.29
C CYS C 16 -8.71 -14.08 25.50
N GLY C 17 -9.30 -14.98 24.71
CA GLY C 17 -10.55 -14.69 24.05
C GLY C 17 -10.50 -14.78 22.54
N LYS C 18 -9.30 -14.88 21.98
CA LYS C 18 -9.09 -14.82 20.53
C LYS C 18 -10.02 -15.75 19.76
N THR C 19 -9.87 -17.06 19.98
CA THR C 19 -10.66 -18.06 19.26
C THR C 19 -12.17 -17.82 19.46
N CYS C 20 -12.60 -17.75 20.71
CA CYS C 20 -13.99 -17.50 21.06
C CYS C 20 -14.63 -16.27 20.39
N LEU C 21 -13.85 -15.20 20.20
CA LEU C 21 -14.28 -14.01 19.47
C LEU C 21 -14.62 -14.35 18.03
N LEU C 22 -13.65 -14.96 17.33
CA LEU C 22 -13.87 -15.44 15.96
C LEU C 22 -15.11 -16.33 15.83
N ILE C 23 -15.12 -17.45 16.54
CA ILE C 23 -16.19 -18.41 16.42
C ILE C 23 -17.54 -17.74 16.64
N VAL C 24 -17.63 -16.91 17.67
CA VAL C 24 -18.91 -16.30 18.06
C VAL C 24 -19.46 -15.45 16.94
N ASN C 25 -18.65 -14.49 16.50
CA ASN C 25 -18.92 -13.66 15.34
C ASN C 25 -19.47 -14.43 14.12
N SER C 26 -18.92 -15.61 13.88
CA SER C 26 -19.34 -16.44 12.76
C SER C 26 -20.50 -17.32 13.20
N LYS C 27 -20.13 -18.55 13.57
CA LYS C 27 -21.08 -19.52 14.05
C LYS C 27 -21.58 -19.22 15.45
N ASP C 28 -22.88 -18.94 15.53
CA ASP C 28 -23.63 -19.07 16.79
C ASP C 28 -22.83 -19.19 18.13
N GLN C 29 -22.75 -20.42 18.69
CA GLN C 29 -22.49 -20.68 20.14
C GLN C 29 -21.06 -20.68 20.60
N PHE C 30 -20.89 -20.23 21.85
CA PHE C 30 -19.61 -20.04 22.50
C PHE C 30 -19.16 -21.36 23.14
N PRO C 31 -17.99 -21.90 22.70
CA PRO C 31 -17.28 -23.10 23.18
C PRO C 31 -17.17 -23.30 24.70
N GLU C 32 -17.61 -24.45 25.18
CA GLU C 32 -17.47 -24.79 26.59
C GLU C 32 -15.99 -24.94 26.88
N VAL C 33 -15.43 -26.00 26.30
CA VAL C 33 -14.09 -26.51 26.54
C VAL C 33 -13.02 -25.66 25.86
N TYR C 34 -12.01 -25.27 26.62
CA TYR C 34 -10.92 -24.48 26.05
C TYR C 34 -9.86 -25.35 25.36
N VAL C 35 -9.83 -25.27 24.03
CA VAL C 35 -8.88 -26.03 23.24
C VAL C 35 -7.95 -25.07 22.52
N PRO C 36 -6.71 -24.91 23.04
CA PRO C 36 -5.73 -23.91 22.59
C PRO C 36 -5.41 -24.03 21.11
N THR C 37 -5.44 -22.90 20.39
CA THR C 37 -5.25 -22.97 18.95
C THR C 37 -3.78 -23.12 18.54
N VAL C 38 -3.59 -23.64 17.34
CA VAL C 38 -2.27 -23.75 16.77
C VAL C 38 -2.31 -23.05 15.41
N PHE C 39 -3.12 -23.59 14.50
CA PHE C 39 -3.30 -23.00 13.18
C PHE C 39 -4.77 -23.03 12.68
N GLU C 40 -5.29 -21.88 12.23
CA GLU C 40 -6.65 -21.81 11.70
C GLU C 40 -6.84 -20.87 10.50
N ASN C 41 -7.95 -21.04 9.77
CA ASN C 41 -8.33 -20.18 8.64
C ASN C 41 -9.85 -20.04 8.51
N TYR C 42 -10.36 -18.85 8.22
CA TYR C 42 -11.77 -18.65 7.81
C TYR C 42 -11.78 -17.71 6.60
N ILE C 43 -12.75 -17.93 5.72
CA ILE C 43 -13.32 -16.85 4.92
C ILE C 43 -14.51 -16.37 5.76
N ALA C 44 -14.80 -15.07 5.80
CA ALA C 44 -16.07 -14.59 6.36
C ALA C 44 -16.65 -13.37 5.63
N ASP C 45 -17.98 -13.31 5.56
CA ASP C 45 -18.66 -12.19 4.92
C ASP C 45 -18.99 -11.05 5.91
N ILE C 46 -19.02 -9.83 5.40
CA ILE C 46 -19.45 -8.67 6.17
C ILE C 46 -19.91 -7.50 5.26
N GLU C 47 -20.88 -6.74 5.75
CA GLU C 47 -21.37 -5.54 5.06
C GLU C 47 -21.04 -4.32 5.89
N VAL C 48 -20.36 -3.36 5.28
CA VAL C 48 -19.89 -2.17 5.99
C VAL C 48 -19.82 -1.01 5.00
N ASP C 49 -20.47 0.12 5.31
CA ASP C 49 -20.43 1.32 4.44
C ASP C 49 -21.07 1.13 3.04
N GLY C 50 -22.03 0.20 2.96
CA GLY C 50 -22.57 -0.23 1.69
C GLY C 50 -21.81 -1.41 1.07
N LYS C 51 -20.49 -1.47 1.27
CA LYS C 51 -19.70 -2.50 0.61
C LYS C 51 -19.88 -3.91 1.19
N GLN C 52 -19.88 -4.89 0.27
CA GLN C 52 -19.85 -6.32 0.59
C GLN C 52 -18.41 -6.83 0.59
N VAL C 53 -17.83 -7.00 1.77
CA VAL C 53 -16.43 -7.41 1.83
C VAL C 53 -16.28 -8.79 2.46
N GLU C 54 -15.44 -9.62 1.83
CA GLU C 54 -14.89 -10.84 2.44
C GLU C 54 -13.74 -10.50 3.41
N LEU C 55 -13.65 -11.26 4.49
CA LEU C 55 -12.58 -11.11 5.46
C LEU C 55 -11.92 -12.46 5.67
N ALA C 56 -10.68 -12.63 5.23
CA ALA C 56 -9.98 -13.90 5.51
C ALA C 56 -9.46 -13.83 6.93
N LEU C 57 -9.94 -14.71 7.79
CA LEU C 57 -9.59 -14.63 9.21
C LEU C 57 -8.56 -15.67 9.57
N TRP C 58 -7.44 -15.21 10.09
CA TRP C 58 -6.34 -16.10 10.52
C TRP C 58 -6.19 -16.09 12.05
N ASP C 59 -6.46 -17.24 12.66
CA ASP C 59 -6.31 -17.45 14.09
C ASP C 59 -4.89 -17.96 14.34
N THR C 60 -4.33 -17.69 15.51
CA THR C 60 -2.95 -18.09 15.80
C THR C 60 -2.79 -18.41 17.26
N ALA C 61 -1.65 -19.04 17.61
CA ALA C 61 -1.36 -19.43 19.00
C ALA C 61 -0.85 -18.27 19.87
N GLY C 62 -1.46 -18.13 21.05
CA GLY C 62 -1.04 -17.13 22.00
C GLY C 62 0.14 -17.59 22.83
N GLN C 63 0.34 -18.90 22.92
CA GLN C 63 1.38 -19.54 23.73
C GLN C 63 2.76 -19.33 23.16
N GLU C 64 3.72 -19.02 24.03
CA GLU C 64 5.05 -18.65 23.58
C GLU C 64 5.83 -19.79 22.91
N ASP C 65 5.55 -21.02 23.30
CA ASP C 65 6.23 -22.17 22.68
C ASP C 65 6.02 -22.16 21.18
N TYR C 66 5.07 -21.39 20.66
CA TYR C 66 4.76 -21.38 19.23
C TYR C 66 5.27 -20.14 18.51
N ASP C 67 6.19 -19.42 19.16
CA ASP C 67 6.67 -18.12 18.65
C ASP C 67 7.28 -18.24 17.26
N ARG C 68 7.86 -19.39 16.94
CA ARG C 68 8.44 -19.55 15.64
C ARG C 68 7.44 -20.06 14.61
N LEU C 69 6.27 -20.47 15.06
CA LEU C 69 5.22 -20.88 14.15
C LEU C 69 4.42 -19.68 13.72
N ARG C 70 4.11 -18.81 14.66
CA ARG C 70 3.21 -17.72 14.39
C ARG C 70 3.51 -16.98 13.09
N PRO C 71 4.80 -16.72 12.75
CA PRO C 71 4.98 -15.88 11.55
C PRO C 71 4.45 -16.47 10.25
N LEU C 72 4.16 -17.77 10.20
CA LEU C 72 3.51 -18.34 9.00
C LEU C 72 2.17 -17.67 8.65
N SER C 73 1.64 -16.87 9.56
CA SER C 73 0.32 -16.28 9.39
C SER C 73 0.41 -14.81 8.98
N TYR C 74 1.57 -14.20 9.19
CA TYR C 74 1.77 -12.78 8.95
C TYR C 74 1.80 -12.28 7.50
N PRO C 75 2.34 -13.10 6.55
CA PRO C 75 2.48 -12.52 5.19
C PRO C 75 1.23 -11.79 4.70
N ASP C 76 1.43 -10.59 4.18
CA ASP C 76 0.37 -9.84 3.52
C ASP C 76 -0.90 -9.64 4.34
N THR C 77 -0.78 -9.38 5.64
CA THR C 77 -1.92 -8.98 6.46
C THR C 77 -2.44 -7.62 6.05
N ASP C 78 -3.73 -7.40 6.21
CA ASP C 78 -4.31 -6.06 6.07
C ASP C 78 -4.66 -5.41 7.42
N VAL C 79 -5.19 -6.16 8.38
CA VAL C 79 -5.48 -5.61 9.73
C VAL C 79 -5.06 -6.54 10.85
N ILE C 80 -4.59 -5.96 11.96
CA ILE C 80 -4.22 -6.76 13.15
C ILE C 80 -5.21 -6.56 14.32
N LEU C 81 -5.89 -7.62 14.69
CA LEU C 81 -6.60 -7.57 15.95
C LEU C 81 -5.64 -7.98 17.06
N MET C 82 -5.14 -7.02 17.82
CA MET C 82 -4.31 -7.35 18.99
C MET C 82 -5.17 -7.47 20.24
N CYS C 83 -5.11 -8.63 20.91
CA CYS C 83 -5.99 -8.93 22.05
C CYS C 83 -5.30 -9.06 23.39
N PHE C 84 -6.03 -8.69 24.45
CA PHE C 84 -5.70 -9.04 25.85
C PHE C 84 -7.02 -9.17 26.58
N SER C 85 -7.00 -9.90 27.69
CA SER C 85 -8.21 -10.13 28.45
C SER C 85 -8.29 -9.08 29.53
N ILE C 86 -9.51 -8.65 29.82
CA ILE C 86 -9.76 -7.69 30.89
C ILE C 86 -9.64 -8.41 32.26
N ASP C 87 -9.54 -9.74 32.21
CA ASP C 87 -9.21 -10.60 33.34
C ASP C 87 -7.82 -10.36 33.86
N SER C 88 -6.97 -9.81 32.98
CA SER C 88 -5.54 -10.05 33.07
C SER C 88 -4.69 -8.81 32.74
N PRO C 89 -4.46 -7.94 33.74
CA PRO C 89 -3.66 -6.74 33.44
C PRO C 89 -2.22 -7.12 33.08
N ASP C 90 -1.90 -8.39 33.33
CA ASP C 90 -0.65 -8.99 32.93
C ASP C 90 -0.60 -9.11 31.44
N SER C 91 -1.72 -9.51 30.86
CA SER C 91 -1.81 -9.66 29.42
C SER C 91 -1.88 -8.32 28.66
N LEU C 92 -2.24 -7.26 29.38
CA LEU C 92 -2.15 -5.90 28.84
C LEU C 92 -0.72 -5.42 28.96
N GLU C 93 0.00 -5.96 29.94
CA GLU C 93 1.42 -5.70 30.07
C GLU C 93 2.19 -6.29 28.91
N ASN C 94 1.72 -7.40 28.35
CA ASN C 94 2.40 -7.97 27.21
C ASN C 94 2.06 -7.28 25.90
N ILE C 95 1.05 -6.41 25.90
CA ILE C 95 0.75 -5.62 24.69
C ILE C 95 1.99 -4.81 24.19
N PRO C 96 2.59 -3.96 25.05
CA PRO C 96 3.73 -3.16 24.58
C PRO C 96 5.05 -3.88 24.81
N GLU C 97 4.99 -4.96 25.59
CA GLU C 97 6.17 -5.76 25.89
C GLU C 97 6.45 -6.81 24.83
N LYS C 98 5.43 -7.55 24.39
CA LYS C 98 5.65 -8.62 23.42
C LYS C 98 5.02 -8.36 22.06
N TRP C 99 3.72 -8.08 22.07
CA TRP C 99 2.91 -8.10 20.85
C TRP C 99 3.15 -6.96 19.86
N THR C 100 3.20 -5.74 20.38
CA THR C 100 3.52 -4.59 19.56
C THR C 100 4.81 -4.85 18.82
N PRO C 101 5.95 -5.03 19.55
CA PRO C 101 7.21 -5.16 18.80
C PRO C 101 7.15 -6.24 17.71
N GLU C 102 6.64 -7.42 18.06
CA GLU C 102 6.43 -8.51 17.10
C GLU C 102 5.58 -8.07 15.90
N VAL C 103 4.44 -7.42 16.16
CA VAL C 103 3.53 -7.01 15.07
C VAL C 103 4.20 -6.06 14.08
N LYS C 104 5.03 -5.19 14.60
CA LYS C 104 5.67 -4.19 13.77
C LYS C 104 6.82 -4.76 12.93
N HIS C 105 7.51 -5.76 13.49
CA HIS C 105 8.64 -6.38 12.81
C HIS C 105 8.21 -7.07 11.50
N PHE C 106 7.05 -7.71 11.54
CA PHE C 106 6.53 -8.53 10.43
C PHE C 106 5.44 -7.82 9.65
N CYS C 107 4.72 -6.93 10.29
CA CYS C 107 3.69 -6.12 9.60
C CYS C 107 3.92 -4.61 9.82
N PRO C 108 4.99 -4.08 9.19
CA PRO C 108 5.18 -2.63 9.28
C PRO C 108 3.98 -1.96 8.62
N ASN C 109 3.53 -0.83 9.15
CA ASN C 109 2.47 -0.04 8.51
C ASN C 109 1.09 -0.70 8.25
N VAL C 110 0.87 -1.89 8.84
CA VAL C 110 -0.44 -2.57 8.86
C VAL C 110 -1.17 -2.10 10.12
N PRO C 111 -2.39 -1.49 9.98
CA PRO C 111 -3.18 -0.99 11.11
C PRO C 111 -3.42 -1.99 12.21
N ILE C 112 -3.34 -1.54 13.46
CA ILE C 112 -3.59 -2.38 14.61
C ILE C 112 -4.82 -1.89 15.37
N ILE C 113 -5.75 -2.82 15.58
CA ILE C 113 -6.96 -2.58 16.37
C ILE C 113 -6.78 -3.19 17.76
N LEU C 114 -6.53 -2.37 18.78
CA LEU C 114 -6.37 -2.88 20.16
C LEU C 114 -7.72 -3.29 20.74
N VAL C 115 -7.89 -4.58 21.05
CA VAL C 115 -9.17 -5.04 21.63
C VAL C 115 -9.02 -5.81 22.94
N GLY C 116 -9.75 -5.38 23.97
CA GLY C 116 -9.82 -6.09 25.25
C GLY C 116 -11.07 -6.95 25.31
N ASN C 117 -10.86 -8.22 25.67
CA ASN C 117 -11.93 -9.22 25.70
C ASN C 117 -12.51 -9.39 27.08
N LYS C 118 -13.59 -10.16 27.17
CA LYS C 118 -14.18 -10.54 28.45
C LYS C 118 -14.70 -9.38 29.35
N LYS C 119 -15.05 -8.25 28.75
CA LYS C 119 -15.70 -7.09 29.43
C LYS C 119 -16.69 -7.47 30.57
N ASP C 120 -17.44 -8.54 30.33
CA ASP C 120 -18.30 -9.14 31.33
C ASP C 120 -17.57 -9.52 32.63
N LEU C 121 -16.29 -9.81 32.56
CA LEU C 121 -15.57 -10.22 33.77
C LEU C 121 -15.03 -9.02 34.59
N ARG C 122 -15.49 -7.81 34.27
CA ARG C 122 -15.04 -6.60 34.96
C ARG C 122 -15.60 -6.43 36.36
N GLN C 123 -16.76 -7.06 36.63
CA GLN C 123 -17.30 -7.24 38.01
C GLN C 123 -17.79 -8.66 38.30
N ASP C 124 -17.15 -9.63 37.68
CA ASP C 124 -17.29 -11.00 38.12
C ASP C 124 -16.66 -11.01 39.50
N GLU C 125 -17.53 -10.88 40.51
CA GLU C 125 -17.10 -10.77 41.89
C GLU C 125 -15.91 -11.68 42.17
N HIS C 126 -15.89 -12.84 41.50
CA HIS C 126 -14.77 -13.80 41.57
C HIS C 126 -13.46 -13.26 40.99
N THR C 127 -13.49 -12.68 39.79
CA THR C 127 -12.23 -12.21 39.17
C THR C 127 -11.47 -11.15 40.00
N ARG C 128 -12.19 -10.17 40.55
CA ARG C 128 -11.55 -9.16 41.41
C ARG C 128 -11.02 -9.79 42.70
N ARG C 129 -11.85 -10.64 43.33
CA ARG C 129 -11.44 -11.37 44.53
C ARG C 129 -10.24 -12.28 44.29
N GLU C 130 -10.15 -12.89 43.11
CA GLU C 130 -8.97 -13.69 42.74
C GLU C 130 -7.77 -12.78 42.48
N LEU C 131 -8.03 -11.65 41.83
CA LEU C 131 -7.00 -10.65 41.56
C LEU C 131 -6.65 -9.84 42.81
N ALA C 132 -7.39 -10.07 43.91
CA ALA C 132 -7.01 -9.54 45.20
C ALA C 132 -5.65 -10.12 45.53
N LYS C 133 -5.59 -11.45 45.70
CA LYS C 133 -4.34 -12.19 45.97
C LYS C 133 -3.10 -11.47 45.40
N MET C 134 -3.19 -11.11 44.12
CA MET C 134 -2.07 -10.57 43.32
C MET C 134 -1.86 -9.04 43.41
N LYS C 135 -2.59 -8.39 44.33
CA LYS C 135 -2.62 -6.91 44.47
C LYS C 135 -3.03 -6.22 43.15
N GLN C 136 -4.18 -6.65 42.61
CA GLN C 136 -4.64 -6.22 41.29
C GLN C 136 -6.15 -6.02 41.19
N GLU C 137 -6.56 -5.46 40.06
CA GLU C 137 -7.96 -5.15 39.79
C GLU C 137 -8.25 -5.45 38.31
N PRO C 138 -9.50 -5.24 37.86
CA PRO C 138 -9.73 -5.24 36.41
C PRO C 138 -9.04 -4.08 35.70
N VAL C 139 -8.62 -4.35 34.46
CA VAL C 139 -8.16 -3.33 33.57
C VAL C 139 -9.33 -2.34 33.34
N ARG C 140 -9.11 -1.06 33.60
CA ARG C 140 -10.13 -0.06 33.30
C ARG C 140 -9.97 0.41 31.87
N SER C 141 -11.09 0.65 31.21
CA SER C 141 -11.06 1.04 29.81
C SER C 141 -10.08 2.18 29.52
N GLU C 142 -9.92 3.10 30.46
CA GLU C 142 -9.03 4.25 30.24
C GLU C 142 -7.57 3.77 30.19
N GLU C 143 -7.29 2.66 30.87
CA GLU C 143 -5.98 1.99 30.79
C GLU C 143 -5.78 1.43 29.37
N GLY C 144 -6.85 0.87 28.80
CA GLY C 144 -6.86 0.40 27.40
C GLY C 144 -6.59 1.54 26.45
N ARG C 145 -7.46 2.56 26.51
CA ARG C 145 -7.37 3.72 25.63
C ARG C 145 -5.94 4.28 25.59
N ASP C 146 -5.38 4.53 26.76
CA ASP C 146 -4.03 5.07 26.83
C ASP C 146 -3.05 4.19 26.03
N MET C 147 -3.21 2.87 26.20
CA MET C 147 -2.34 1.93 25.52
C MET C 147 -2.52 1.99 24.01
N ALA C 148 -3.74 2.28 23.58
CA ALA C 148 -4.03 2.51 22.17
C ALA C 148 -3.24 3.71 21.62
N ASN C 149 -3.17 4.81 22.38
CA ASN C 149 -2.38 5.98 21.97
C ASN C 149 -0.88 5.68 21.97
N ARG C 150 -0.47 4.83 22.90
CA ARG C 150 0.92 4.45 23.06
C ARG C 150 1.47 3.62 21.89
N ILE C 151 0.76 2.55 21.49
CA ILE C 151 1.24 1.71 20.40
C ILE C 151 0.86 2.31 19.05
N SER C 152 0.30 3.52 19.11
CA SER C 152 -0.25 4.24 17.95
C SER C 152 -1.29 3.43 17.17
N ALA C 153 -2.29 2.88 17.88
CA ALA C 153 -3.27 1.96 17.29
C ALA C 153 -4.33 2.71 16.48
N PHE C 154 -5.10 1.96 15.69
CA PHE C 154 -6.15 2.50 14.81
C PHE C 154 -7.35 2.98 15.61
N GLY C 155 -7.86 2.09 16.47
CA GLY C 155 -8.87 2.42 17.45
C GLY C 155 -8.67 1.45 18.60
N TYR C 156 -9.57 1.50 19.58
CA TYR C 156 -9.59 0.48 20.60
C TYR C 156 -11.03 0.09 20.99
N LEU C 157 -11.28 -1.20 21.20
CA LEU C 157 -12.64 -1.66 21.51
C LEU C 157 -12.65 -2.73 22.60
N GLU C 158 -13.77 -2.82 23.32
CA GLU C 158 -13.98 -3.85 24.33
C GLU C 158 -15.16 -4.73 23.92
N CYS C 159 -15.14 -5.98 24.35
CA CYS C 159 -16.18 -6.91 23.95
C CYS C 159 -16.24 -8.14 24.84
N SER C 160 -17.40 -8.79 24.82
CA SER C 160 -17.60 -10.06 25.47
C SER C 160 -18.09 -11.07 24.44
N ALA C 161 -17.19 -11.96 24.02
CA ALA C 161 -17.56 -13.13 23.23
C ALA C 161 -18.67 -13.93 23.93
N LYS C 162 -18.62 -13.96 25.26
CA LYS C 162 -19.59 -14.72 26.05
C LYS C 162 -20.99 -14.13 25.95
N THR C 163 -21.11 -12.80 26.07
CA THR C 163 -22.41 -12.12 26.00
C THR C 163 -22.68 -11.56 24.61
N LYS C 164 -21.64 -11.45 23.79
CA LYS C 164 -21.77 -10.87 22.45
C LYS C 164 -21.66 -9.34 22.41
N GLU C 165 -21.66 -8.69 23.56
CA GLU C 165 -21.51 -7.24 23.60
C GLU C 165 -20.27 -6.80 22.84
N GLY C 166 -20.43 -5.86 21.90
CA GLY C 166 -19.29 -5.19 21.25
C GLY C 166 -18.59 -5.94 20.12
N VAL C 167 -18.95 -7.20 19.92
CA VAL C 167 -18.33 -8.10 18.94
C VAL C 167 -18.45 -7.65 17.48
N ARG C 168 -19.68 -7.40 17.04
CA ARG C 168 -19.93 -6.98 15.67
C ARG C 168 -19.16 -5.70 15.33
N GLU C 169 -19.08 -4.79 16.30
CA GLU C 169 -18.35 -3.51 16.16
C GLU C 169 -16.92 -3.81 15.85
N VAL C 170 -16.40 -4.84 16.51
CA VAL C 170 -14.99 -5.11 16.39
C VAL C 170 -14.60 -5.46 14.97
N PHE C 171 -15.48 -6.09 14.20
CA PHE C 171 -15.12 -6.50 12.84
C PHE C 171 -15.47 -5.41 11.82
N GLU C 172 -16.40 -4.55 12.20
CA GLU C 172 -16.69 -3.39 11.40
C GLU C 172 -15.47 -2.50 11.47
N MET C 173 -15.03 -2.14 12.67
CA MET C 173 -13.85 -1.29 12.75
C MET C 173 -12.66 -1.91 12.02
N ALA C 174 -12.46 -3.22 12.23
CA ALA C 174 -11.39 -3.97 11.58
C ALA C 174 -11.45 -3.78 10.06
N THR C 175 -12.65 -3.95 9.50
CA THR C 175 -12.90 -3.79 8.07
C THR C 175 -12.58 -2.38 7.54
N ARG C 176 -13.02 -1.31 8.22
CA ARG C 176 -12.78 0.02 7.66
C ARG C 176 -11.32 0.37 7.82
N ALA C 177 -10.66 -0.32 8.75
CA ALA C 177 -9.21 -0.30 8.88
C ALA C 177 -8.51 -0.87 7.64
N GLY C 178 -9.02 -1.98 7.09
CA GLY C 178 -8.42 -2.58 5.88
C GLY C 178 -8.65 -1.82 4.55
N LEU C 179 -9.34 -0.70 4.61
CA LEU C 179 -9.58 0.12 3.44
C LEU C 179 -9.07 1.59 3.60
N VAL D 15 2.59 -36.67 -0.75
CA VAL D 15 3.29 -36.87 0.54
C VAL D 15 4.37 -35.80 0.77
N LEU D 16 4.45 -35.31 2.01
CA LEU D 16 5.31 -34.18 2.38
C LEU D 16 5.88 -34.41 3.74
N VAL D 17 7.15 -34.77 3.71
CA VAL D 17 7.99 -34.94 4.87
C VAL D 17 8.61 -33.58 5.22
N LEU D 18 8.38 -32.63 4.32
CA LEU D 18 8.78 -31.23 4.47
C LEU D 18 8.13 -30.64 5.70
N PHE D 19 6.89 -31.06 5.96
CA PHE D 19 6.20 -30.76 7.21
C PHE D 19 7.01 -31.15 8.46
N GLU D 20 7.76 -32.25 8.37
CA GLU D 20 8.59 -32.72 9.48
C GLU D 20 9.72 -31.76 9.75
N GLN D 21 10.21 -31.17 8.65
CA GLN D 21 11.31 -30.23 8.71
C GLN D 21 10.82 -29.07 9.51
N MET D 22 9.68 -28.56 9.04
CA MET D 22 9.03 -27.40 9.58
C MET D 22 9.02 -27.56 11.09
N LEU D 23 8.42 -28.67 11.57
CA LEU D 23 8.33 -28.97 13.00
C LEU D 23 9.63 -28.79 13.79
N VAL D 24 10.72 -29.26 13.21
CA VAL D 24 12.02 -29.15 13.86
C VAL D 24 12.49 -27.70 13.84
N ASP D 25 12.44 -27.08 12.66
CA ASP D 25 12.77 -25.68 12.51
C ASP D 25 11.98 -24.76 13.43
N MET D 26 10.73 -25.16 13.70
CA MET D 26 9.83 -24.56 14.68
C MET D 26 10.25 -24.72 16.14
N ASN D 27 11.09 -25.71 16.43
CA ASN D 27 11.59 -25.97 17.81
C ASN D 27 10.47 -26.32 18.80
N LEU D 28 9.85 -27.48 18.59
CA LEU D 28 8.70 -27.89 19.37
C LEU D 28 8.92 -29.29 19.86
N ASN D 29 8.94 -29.45 21.18
CA ASN D 29 8.93 -30.78 21.79
C ASN D 29 7.69 -31.53 21.27
N GLU D 30 7.59 -32.83 21.56
CA GLU D 30 6.59 -33.68 20.86
C GLU D 30 5.21 -33.55 21.54
N GLU D 31 5.26 -33.00 22.76
CA GLU D 31 4.12 -32.46 23.49
C GLU D 31 3.43 -31.35 22.67
N LYS D 32 4.13 -30.21 22.52
CA LYS D 32 3.63 -29.00 21.85
C LYS D 32 3.36 -29.21 20.38
N GLN D 33 3.80 -30.36 19.87
CA GLN D 33 3.83 -30.64 18.45
C GLN D 33 2.66 -31.51 17.99
N GLN D 34 1.95 -32.11 18.95
CA GLN D 34 0.91 -33.08 18.65
C GLN D 34 -0.36 -32.49 18.07
N PRO D 35 -0.74 -31.26 18.49
CA PRO D 35 -1.96 -30.74 17.88
C PRO D 35 -1.69 -30.33 16.44
N LEU D 36 -0.43 -30.06 16.11
CA LEU D 36 0.00 -29.87 14.71
C LEU D 36 -0.08 -31.19 13.93
N ARG D 37 0.36 -32.26 14.58
CA ARG D 37 0.26 -33.62 14.04
C ARG D 37 -1.20 -34.06 13.82
N GLU D 38 -2.05 -33.94 14.86
CA GLU D 38 -3.50 -34.23 14.74
C GLU D 38 -4.23 -33.57 13.57
N LYS D 39 -3.62 -32.54 12.97
CA LYS D 39 -4.25 -31.80 11.84
C LYS D 39 -4.44 -32.67 10.63
N ASP D 40 -5.39 -32.27 9.79
CA ASP D 40 -5.70 -33.00 8.59
C ASP D 40 -4.52 -33.03 7.63
N ILE D 41 -4.71 -33.74 6.53
CA ILE D 41 -3.74 -33.82 5.45
C ILE D 41 -3.61 -32.46 4.83
N VAL D 42 -4.73 -31.96 4.33
CA VAL D 42 -4.79 -30.81 3.45
C VAL D 42 -4.30 -29.54 4.15
N ILE D 43 -4.52 -29.48 5.46
CA ILE D 43 -4.10 -28.32 6.24
C ILE D 43 -2.57 -28.32 6.33
N LYS D 44 -1.98 -29.51 6.57
CA LYS D 44 -0.52 -29.69 6.53
C LYS D 44 0.06 -29.13 5.22
N ARG D 45 -0.55 -29.51 4.09
CA ARG D 45 -0.24 -28.93 2.79
C ARG D 45 -0.13 -27.41 2.88
N GLU D 46 -1.04 -26.78 3.62
CA GLU D 46 -1.18 -25.31 3.61
C GLU D 46 -0.07 -24.70 4.42
N MET D 47 0.21 -25.31 5.56
CA MET D 47 1.26 -24.82 6.43
C MET D 47 2.64 -24.89 5.76
N VAL D 48 2.84 -25.94 4.96
CA VAL D 48 4.11 -26.13 4.23
C VAL D 48 4.27 -25.02 3.20
N SER D 49 3.19 -24.63 2.56
CA SER D 49 3.23 -23.52 1.59
C SER D 49 3.67 -22.19 2.25
N GLN D 50 3.13 -21.88 3.42
CA GLN D 50 3.55 -20.68 4.14
C GLN D 50 5.03 -20.79 4.45
N TYR D 51 5.41 -21.89 5.10
CA TYR D 51 6.77 -22.19 5.47
C TYR D 51 7.78 -21.93 4.36
N LEU D 52 7.58 -22.57 3.21
CA LEU D 52 8.46 -22.40 2.05
C LEU D 52 8.48 -20.98 1.53
N HIS D 53 7.40 -20.25 1.74
CA HIS D 53 7.45 -18.85 1.41
C HIS D 53 8.24 -17.95 2.39
N THR D 54 8.21 -18.22 3.70
CA THR D 54 9.01 -17.38 4.64
C THR D 54 10.49 -17.73 4.51
N SER D 55 11.01 -18.48 5.50
CA SER D 55 12.34 -19.09 5.42
C SER D 55 13.00 -19.08 4.03
N ALA D 68 19.40 -10.75 8.10
CA ALA D 68 20.34 -11.83 7.79
C ALA D 68 21.66 -11.89 8.65
N MET D 69 22.79 -11.68 7.98
CA MET D 69 24.06 -11.52 8.63
C MET D 69 24.41 -10.03 8.58
N MET D 70 23.53 -9.26 7.95
CA MET D 70 23.54 -7.80 8.02
C MET D 70 23.44 -7.36 9.49
N TYR D 71 22.64 -8.08 10.26
CA TYR D 71 22.55 -7.88 11.70
C TYR D 71 23.94 -7.96 12.34
N ILE D 72 24.67 -9.04 12.08
CA ILE D 72 26.04 -9.11 12.56
C ILE D 72 26.75 -7.76 12.45
N GLN D 73 26.71 -7.16 11.26
CA GLN D 73 27.36 -5.89 10.94
C GLN D 73 27.02 -4.68 11.81
N GLU D 74 25.74 -4.48 12.13
CA GLU D 74 25.33 -3.35 12.96
C GLU D 74 26.08 -3.41 14.32
N LEU D 75 26.25 -4.63 14.81
CA LEU D 75 26.85 -4.89 16.12
C LEU D 75 28.35 -4.68 16.01
N ARG D 76 28.81 -4.64 14.76
CA ARG D 76 30.20 -4.38 14.48
C ARG D 76 30.46 -2.94 13.99
N SER D 77 29.44 -2.09 13.94
CA SER D 77 29.65 -0.72 13.45
C SER D 77 29.73 0.31 14.55
N GLY D 78 29.98 -0.14 15.77
CA GLY D 78 30.16 0.76 16.91
C GLY D 78 28.93 1.49 17.40
N LEU D 79 27.73 1.07 17.00
CA LEU D 79 26.49 1.59 17.57
C LEU D 79 26.60 1.75 19.09
N ARG D 80 26.13 2.89 19.57
CA ARG D 80 26.12 3.19 21.02
C ARG D 80 24.74 3.77 21.29
N ASP D 81 24.35 3.80 22.57
CA ASP D 81 23.12 4.46 23.02
C ASP D 81 21.89 4.05 22.20
N MET D 82 20.87 4.90 22.13
CA MET D 82 19.53 4.46 21.70
C MET D 82 19.43 3.82 20.31
N HIS D 83 20.49 3.97 19.52
CA HIS D 83 20.54 3.34 18.22
C HIS D 83 20.97 1.91 18.34
N LEU D 84 21.93 1.65 19.21
CA LEU D 84 22.24 0.27 19.63
C LEU D 84 20.97 -0.43 20.12
N LEU D 85 20.27 0.21 21.07
CA LEU D 85 19.05 -0.34 21.65
C LEU D 85 18.03 -0.74 20.59
N SER D 86 17.91 0.07 19.55
CA SER D 86 16.95 -0.20 18.50
C SER D 86 17.32 -1.42 17.66
N CYS D 87 18.61 -1.63 17.45
CA CYS D 87 19.12 -2.73 16.64
C CYS D 87 18.93 -4.06 17.36
N LEU D 88 19.31 -4.08 18.63
CA LEU D 88 19.11 -5.22 19.51
C LEU D 88 17.61 -5.56 19.66
N GLU D 89 16.78 -4.51 19.84
CA GLU D 89 15.32 -4.64 19.98
C GLU D 89 14.76 -5.33 18.76
N SER D 90 15.39 -5.09 17.63
CA SER D 90 15.00 -5.80 16.44
C SER D 90 15.65 -7.18 16.36
N LEU D 91 16.94 -7.27 16.69
CA LEU D 91 17.61 -8.57 16.74
C LEU D 91 16.82 -9.60 17.62
N ARG D 92 16.37 -9.14 18.78
CA ARG D 92 15.60 -9.96 19.70
C ARG D 92 14.47 -10.70 18.96
N VAL D 93 13.45 -9.97 18.53
CA VAL D 93 12.31 -10.53 17.77
C VAL D 93 12.77 -11.55 16.72
N SER D 94 13.75 -11.13 15.91
CA SER D 94 14.31 -11.98 14.88
C SER D 94 14.68 -13.37 15.43
N LEU D 95 15.56 -13.41 16.45
CA LEU D 95 16.07 -14.66 17.05
C LEU D 95 15.00 -15.52 17.69
N ASN D 96 13.90 -14.88 18.09
CA ASN D 96 12.81 -15.47 18.81
C ASN D 96 11.78 -16.14 17.95
N ASN D 97 11.68 -15.68 16.69
CA ASN D 97 10.57 -15.97 15.82
C ASN D 97 10.93 -16.62 14.51
N ASN D 98 12.12 -16.33 14.00
CA ASN D 98 12.54 -16.92 12.75
C ASN D 98 12.74 -18.37 13.04
N PRO D 99 12.74 -19.22 12.00
CA PRO D 99 13.06 -20.64 12.15
C PRO D 99 14.41 -20.84 12.81
N VAL D 100 14.64 -22.00 13.39
CA VAL D 100 15.90 -22.26 14.13
C VAL D 100 17.10 -22.38 13.17
N SER D 101 16.81 -22.71 11.93
CA SER D 101 17.82 -22.63 10.90
C SER D 101 18.40 -21.20 10.89
N TRP D 102 17.55 -20.19 11.07
CA TRP D 102 18.02 -18.80 11.05
C TRP D 102 19.03 -18.49 12.14
N VAL D 103 18.73 -19.00 13.34
CA VAL D 103 19.56 -18.82 14.52
C VAL D 103 20.91 -19.41 14.25
N GLN D 104 20.94 -20.47 13.46
CA GLN D 104 22.16 -21.17 13.03
C GLN D 104 23.05 -20.30 12.13
N THR D 105 22.42 -19.60 11.17
CA THR D 105 23.21 -18.79 10.25
C THR D 105 23.76 -17.61 11.02
N PHE D 106 23.04 -17.20 12.05
CA PHE D 106 23.56 -16.22 13.00
C PHE D 106 24.75 -16.83 13.78
N GLY D 107 24.49 -17.93 14.48
CA GLY D 107 25.51 -18.81 15.07
C GLY D 107 26.64 -18.25 15.91
N ALA D 108 27.72 -19.02 15.98
CA ALA D 108 28.85 -18.73 16.86
C ALA D 108 29.41 -17.32 16.64
N GLU D 109 29.55 -16.92 15.39
CA GLU D 109 30.08 -15.60 15.11
C GLU D 109 29.06 -14.54 15.56
N GLY D 110 27.80 -14.71 15.16
CA GLY D 110 26.72 -13.88 15.69
C GLY D 110 26.90 -13.63 17.18
N LEU D 111 26.99 -14.73 17.95
CA LEU D 111 27.08 -14.70 19.42
C LEU D 111 28.26 -13.87 19.86
N ALA D 112 29.45 -14.26 19.40
CA ALA D 112 30.70 -13.62 19.79
C ALA D 112 30.56 -12.08 19.82
N SER D 113 29.82 -11.55 18.84
CA SER D 113 29.58 -10.11 18.72
C SER D 113 28.74 -9.53 19.87
N LEU D 114 27.63 -10.19 20.19
CA LEU D 114 26.78 -9.82 21.34
C LEU D 114 27.63 -9.86 22.59
N LEU D 115 28.45 -10.91 22.71
CA LEU D 115 29.22 -11.08 23.91
C LEU D 115 30.36 -10.09 23.99
N ASP D 116 30.75 -9.53 22.83
CA ASP D 116 31.79 -8.47 22.79
C ASP D 116 31.24 -7.16 23.28
N ILE D 117 30.08 -6.78 22.73
CA ILE D 117 29.31 -5.64 23.22
C ILE D 117 29.00 -5.84 24.71
N LEU D 118 28.47 -7.00 25.06
CA LEU D 118 28.02 -7.22 26.43
C LEU D 118 29.07 -6.83 27.45
N LYS D 119 30.34 -6.94 27.08
CA LYS D 119 31.40 -6.76 28.05
C LYS D 119 31.94 -5.38 27.99
N ARG D 120 31.79 -4.74 26.84
CA ARG D 120 32.02 -3.29 26.78
C ARG D 120 31.11 -2.59 27.79
N LEU D 121 29.84 -3.00 27.83
CA LEU D 121 28.87 -2.44 28.76
C LEU D 121 29.21 -2.79 30.20
N HIS D 122 29.31 -4.10 30.50
CA HIS D 122 29.77 -4.61 31.82
C HIS D 122 31.12 -4.04 32.27
N ASP D 123 31.58 -2.98 31.64
CA ASP D 123 32.79 -2.31 32.08
C ASP D 123 32.49 -0.85 32.53
N GLU D 124 31.94 -0.05 31.60
CA GLU D 124 31.58 1.34 31.87
C GLU D 124 30.30 1.46 32.71
N TYR D 132 23.04 4.71 36.59
CA TYR D 132 23.55 4.09 35.37
C TYR D 132 22.45 3.48 34.50
N ASP D 133 22.41 3.90 33.22
CA ASP D 133 21.47 3.41 32.17
C ASP D 133 21.82 2.02 31.67
N SER D 134 20.85 1.10 31.63
CA SER D 134 21.19 -0.28 31.25
C SER D 134 20.12 -1.05 30.47
N ARG D 135 19.23 -0.32 29.81
CA ARG D 135 18.20 -1.01 29.02
C ARG D 135 18.83 -1.82 27.86
N ASN D 136 20.13 -1.58 27.62
CA ASN D 136 20.93 -2.28 26.59
C ASN D 136 21.49 -3.66 26.97
N GLN D 137 22.14 -3.73 28.11
CA GLN D 137 22.55 -5.00 28.67
C GLN D 137 21.36 -5.94 28.77
N HIS D 138 20.23 -5.38 29.18
CA HIS D 138 19.00 -6.15 29.36
C HIS D 138 18.60 -6.73 28.03
N GLU D 139 18.68 -5.94 26.97
CA GLU D 139 18.27 -6.41 25.67
C GLU D 139 19.18 -7.50 25.22
N ILE D 140 20.49 -7.34 25.49
CA ILE D 140 21.42 -8.40 25.10
C ILE D 140 21.04 -9.71 25.78
N ILE D 141 20.78 -9.66 27.07
CA ILE D 141 20.38 -10.84 27.80
C ILE D 141 19.12 -11.43 27.18
N ARG D 142 18.19 -10.59 26.74
CA ARG D 142 16.96 -11.07 26.11
C ARG D 142 17.24 -11.80 24.81
N CYS D 143 18.10 -11.18 23.98
CA CYS D 143 18.64 -11.82 22.78
C CYS D 143 19.22 -13.17 23.11
N LEU D 144 20.13 -13.20 24.08
CA LEU D 144 20.67 -14.48 24.59
C LEU D 144 19.57 -15.46 24.99
N LYS D 145 18.50 -14.96 25.62
CA LYS D 145 17.40 -15.81 26.09
C LYS D 145 16.70 -16.54 24.94
N ALA D 146 16.30 -15.79 23.90
CA ALA D 146 15.86 -16.38 22.61
C ALA D 146 16.94 -17.26 21.93
N PHE D 147 18.17 -16.79 21.83
CA PHE D 147 19.23 -17.62 21.30
C PHE D 147 19.33 -18.98 22.02
N MET D 148 19.34 -18.95 23.34
CA MET D 148 19.51 -20.18 24.10
C MET D 148 18.26 -21.05 24.24
N ASN D 149 17.13 -20.62 23.66
CA ASN D 149 15.86 -21.33 23.82
C ASN D 149 15.71 -22.60 22.95
N ASN D 150 16.81 -23.04 22.36
CA ASN D 150 16.82 -24.22 21.49
C ASN D 150 18.15 -24.98 21.60
N LYS D 151 18.17 -26.22 21.11
CA LYS D 151 19.34 -27.10 21.22
C LYS D 151 20.61 -26.48 20.68
N PHE D 152 20.54 -25.96 19.46
CA PHE D 152 21.71 -25.32 18.84
C PHE D 152 22.27 -24.25 19.77
N GLY D 153 21.43 -23.24 20.04
CA GLY D 153 21.80 -22.09 20.83
C GLY D 153 22.56 -22.45 22.07
N ILE D 154 22.02 -23.36 22.87
CA ILE D 154 22.64 -23.75 24.12
C ILE D 154 24.03 -24.32 23.91
N LYS D 155 24.18 -25.27 22.99
CA LYS D 155 25.51 -25.92 22.84
C LYS D 155 26.58 -24.96 22.36
N THR D 156 26.14 -23.94 21.61
CA THR D 156 27.02 -22.93 21.06
C THR D 156 27.43 -21.96 22.15
N MET D 157 26.50 -21.69 23.06
CA MET D 157 26.72 -20.78 24.17
C MET D 157 27.82 -21.33 25.09
N LEU D 158 27.69 -22.59 25.53
CA LEU D 158 28.74 -23.24 26.33
C LEU D 158 30.11 -23.23 25.67
N GLU D 159 30.19 -23.29 24.34
CA GLU D 159 31.54 -23.37 23.72
C GLU D 159 32.37 -22.15 24.12
N THR D 160 31.72 -21.04 24.48
CA THR D 160 32.39 -19.79 24.81
C THR D 160 33.18 -19.81 26.10
N GLU D 161 34.37 -19.20 26.09
CA GLU D 161 35.11 -18.94 27.34
C GLU D 161 34.31 -17.91 28.15
N GLU D 162 33.85 -16.87 27.45
CA GLU D 162 33.32 -15.70 28.10
C GLU D 162 31.80 -15.75 28.35
N GLY D 163 31.08 -16.67 27.69
CA GLY D 163 29.62 -16.73 27.79
C GLY D 163 29.01 -16.69 29.19
N ILE D 164 28.97 -17.88 29.80
CA ILE D 164 28.48 -18.08 31.16
C ILE D 164 28.89 -16.96 32.12
N LEU D 165 30.15 -16.51 32.06
CA LEU D 165 30.62 -15.47 32.98
C LEU D 165 29.83 -14.17 32.82
N LEU D 166 29.71 -13.71 31.59
CA LEU D 166 28.87 -12.56 31.30
C LEU D 166 27.41 -12.70 31.76
N LEU D 167 26.80 -13.89 31.64
CA LEU D 167 25.49 -14.08 32.26
C LEU D 167 25.51 -13.92 33.77
N VAL D 168 26.48 -14.55 34.45
CA VAL D 168 26.64 -14.43 35.91
C VAL D 168 26.74 -12.94 36.31
N ARG D 169 27.45 -12.16 35.51
CA ARG D 169 27.58 -10.72 35.73
C ARG D 169 26.28 -9.97 35.57
N ALA D 170 25.30 -10.55 34.86
CA ALA D 170 24.02 -9.88 34.62
C ALA D 170 23.03 -10.16 35.74
N MET D 171 23.45 -10.91 36.74
CA MET D 171 22.60 -11.09 37.91
C MET D 171 22.84 -9.95 38.86
N ASP D 172 22.35 -8.77 38.47
CA ASP D 172 22.37 -7.61 39.34
C ASP D 172 20.99 -7.51 40.02
N PRO D 173 20.97 -7.52 41.36
CA PRO D 173 19.70 -7.40 42.11
C PRO D 173 19.15 -5.97 42.20
N ALA D 174 19.91 -5.01 41.66
CA ALA D 174 19.48 -3.62 41.55
C ALA D 174 18.80 -3.36 40.19
N VAL D 175 18.71 -4.44 39.39
CA VAL D 175 17.98 -4.51 38.11
C VAL D 175 17.27 -5.91 38.03
N PRO D 176 16.21 -6.10 38.85
CA PRO D 176 15.49 -7.37 38.99
C PRO D 176 15.14 -8.01 37.67
N ASN D 177 14.40 -7.31 36.82
CA ASN D 177 13.88 -7.97 35.63
C ASN D 177 14.93 -8.63 34.77
N MET D 178 16.16 -8.12 34.83
CA MET D 178 17.28 -8.69 34.09
C MET D 178 17.93 -9.81 34.88
N MET D 179 18.04 -9.60 36.19
CA MET D 179 18.58 -10.60 37.06
C MET D 179 17.71 -11.86 37.01
N ILE D 180 16.38 -11.71 37.05
CA ILE D 180 15.49 -12.83 36.76
C ILE D 180 15.87 -13.61 35.46
N ASP D 181 16.07 -12.87 34.36
CA ASP D 181 16.32 -13.48 33.06
C ASP D 181 17.68 -14.22 33.07
N ALA D 182 18.70 -13.54 33.59
CA ALA D 182 20.02 -14.13 33.80
C ALA D 182 19.97 -15.43 34.66
N ALA D 183 19.44 -15.31 35.88
CA ALA D 183 19.19 -16.43 36.76
C ALA D 183 18.61 -17.60 36.02
N LYS D 184 17.65 -17.33 35.12
CA LYS D 184 16.90 -18.38 34.42
C LYS D 184 17.80 -19.20 33.47
N LEU D 185 18.53 -18.47 32.62
CA LEU D 185 19.50 -19.09 31.71
C LEU D 185 20.50 -20.04 32.43
N LEU D 186 21.18 -19.51 33.45
CA LEU D 186 22.16 -20.26 34.23
C LEU D 186 21.54 -21.50 34.88
N SER D 187 20.30 -21.37 35.32
CA SER D 187 19.59 -22.43 35.99
C SER D 187 19.35 -23.55 34.98
N ALA D 188 19.05 -23.16 33.74
CA ALA D 188 18.78 -24.11 32.68
C ALA D 188 20.08 -24.76 32.24
N LEU D 189 21.22 -24.12 32.53
CA LEU D 189 22.51 -24.70 32.22
C LEU D 189 22.91 -25.77 33.25
N CYS D 190 22.70 -25.50 34.54
CA CYS D 190 23.07 -26.44 35.62
C CYS D 190 22.44 -27.82 35.46
N ILE D 191 21.15 -27.90 35.15
CA ILE D 191 20.45 -29.21 34.95
C ILE D 191 20.94 -30.03 33.74
N LEU D 192 21.46 -29.36 32.71
CA LEU D 192 21.89 -30.02 31.47
C LEU D 192 22.66 -31.31 31.71
N PRO D 193 22.10 -32.44 31.26
CA PRO D 193 22.60 -33.71 31.72
C PRO D 193 23.98 -33.98 31.20
N GLN D 194 24.19 -33.70 29.92
CA GLN D 194 25.31 -34.31 29.27
C GLN D 194 26.09 -33.44 28.32
N PRO D 195 26.30 -32.17 28.67
CA PRO D 195 27.45 -31.55 28.10
C PRO D 195 28.74 -31.22 28.89
N GLU D 196 29.06 -31.63 30.13
CA GLU D 196 28.47 -32.53 31.12
C GLU D 196 29.28 -32.21 32.42
N ASP D 197 28.58 -31.86 33.51
CA ASP D 197 29.21 -31.37 34.76
C ASP D 197 28.98 -29.87 34.91
N MET D 198 27.77 -29.43 34.59
CA MET D 198 27.51 -28.04 34.29
C MET D 198 27.34 -27.14 35.50
N ASN D 199 26.86 -27.69 36.59
CA ASN D 199 26.69 -26.88 37.77
C ASN D 199 28.03 -26.39 38.25
N GLU D 200 29.05 -27.26 38.19
CA GLU D 200 30.36 -26.89 38.69
C GLU D 200 30.94 -25.79 37.86
N ARG D 201 30.47 -25.69 36.63
CA ARG D 201 30.84 -24.65 35.70
C ARG D 201 30.17 -23.28 35.98
N VAL D 202 28.88 -23.29 36.29
CA VAL D 202 28.21 -22.03 36.66
C VAL D 202 28.79 -21.59 37.98
N LEU D 203 29.02 -22.56 38.86
CA LEU D 203 29.53 -22.27 40.18
C LEU D 203 30.87 -21.57 40.04
N GLU D 204 31.68 -22.08 39.14
CA GLU D 204 33.01 -21.56 38.86
C GLU D 204 33.02 -20.09 38.42
N ALA D 205 32.11 -19.72 37.51
CA ALA D 205 31.99 -18.34 37.06
C ALA D 205 31.47 -17.44 38.15
N MET D 206 30.59 -17.97 38.99
CA MET D 206 30.07 -17.19 40.10
C MET D 206 31.27 -16.86 41.00
N THR D 207 32.00 -17.91 41.35
CA THR D 207 33.28 -17.81 42.03
C THR D 207 34.25 -16.85 41.35
N GLU D 208 34.19 -16.70 40.03
CA GLU D 208 35.14 -15.83 39.35
C GLU D 208 34.79 -14.34 39.47
N ARG D 209 33.49 -14.03 39.40
CA ARG D 209 33.00 -12.65 39.54
C ARG D 209 33.18 -12.21 40.98
N ALA D 210 33.17 -13.17 41.90
CA ALA D 210 33.29 -12.88 43.32
C ALA D 210 34.69 -12.37 43.68
N GLU D 211 35.71 -12.85 42.98
CA GLU D 211 37.07 -12.39 43.26
C GLU D 211 37.38 -11.09 42.54
N MET D 212 36.58 -10.74 41.53
CA MET D 212 36.75 -9.49 40.79
C MET D 212 36.27 -8.31 41.61
N ASP D 213 35.01 -8.37 42.01
CA ASP D 213 34.37 -7.34 42.81
C ASP D 213 34.80 -7.55 44.26
N GLU D 214 35.07 -8.81 44.60
CA GLU D 214 35.50 -9.16 45.96
C GLU D 214 34.36 -9.19 46.99
N VAL D 215 33.21 -9.71 46.59
CA VAL D 215 32.06 -9.95 47.46
C VAL D 215 32.04 -11.44 47.78
N GLU D 216 30.93 -11.93 48.33
CA GLU D 216 30.74 -13.36 48.50
C GLU D 216 30.05 -13.94 47.26
N ARG D 217 30.44 -15.12 46.80
CA ARG D 217 29.88 -15.64 45.56
C ARG D 217 28.34 -15.81 45.57
N PHE D 218 27.75 -16.00 46.77
CA PHE D 218 26.29 -16.10 46.86
C PHE D 218 25.60 -14.85 47.41
N GLN D 219 26.35 -13.75 47.53
CA GLN D 219 25.76 -12.48 47.91
C GLN D 219 24.65 -12.07 46.96
N PRO D 220 24.92 -12.08 45.63
CA PRO D 220 23.91 -11.55 44.72
C PRO D 220 22.59 -12.30 44.87
N LEU D 221 22.65 -13.64 44.91
CA LEU D 221 21.48 -14.45 45.20
C LEU D 221 20.86 -14.06 46.52
N LEU D 222 21.68 -13.95 47.56
CA LEU D 222 21.12 -13.67 48.87
C LEU D 222 20.40 -12.33 48.89
N ASP D 223 21.04 -11.29 48.34
CA ASP D 223 20.40 -9.97 48.20
C ASP D 223 19.04 -10.01 47.50
N GLY D 224 18.88 -10.95 46.54
CA GLY D 224 17.62 -11.13 45.81
C GLY D 224 16.53 -11.76 46.66
N LEU D 225 16.93 -12.48 47.71
CA LEU D 225 15.99 -13.15 48.60
C LEU D 225 15.51 -12.28 49.77
N LYS D 226 16.15 -11.14 49.99
CA LYS D 226 15.61 -10.09 50.87
C LYS D 226 14.08 -9.93 50.72
N SER D 227 13.32 -10.10 51.80
CA SER D 227 11.92 -9.69 51.73
C SER D 227 11.98 -8.18 51.45
N GLY D 228 11.23 -7.76 50.43
CA GLY D 228 11.36 -6.40 49.92
C GLY D 228 11.62 -6.43 48.42
N THR D 229 12.08 -7.56 47.91
CA THR D 229 12.20 -7.76 46.47
C THR D 229 10.93 -8.44 45.98
N SER D 230 10.74 -8.50 44.66
CA SER D 230 9.50 -9.04 44.06
C SER D 230 9.45 -10.57 44.00
N ILE D 231 8.28 -11.14 44.29
CA ILE D 231 8.11 -12.60 44.36
C ILE D 231 8.83 -13.32 43.23
N ALA D 232 8.73 -12.77 42.01
CA ALA D 232 9.41 -13.32 40.85
C ALA D 232 10.88 -13.59 41.15
N LEU D 233 11.60 -12.54 41.55
CA LEU D 233 13.01 -12.66 41.82
C LEU D 233 13.31 -13.69 42.92
N LYS D 234 12.45 -13.75 43.92
CA LYS D 234 12.61 -14.70 45.02
C LYS D 234 12.57 -16.12 44.44
N VAL D 235 11.52 -16.44 43.71
CA VAL D 235 11.42 -17.74 43.05
C VAL D 235 12.68 -17.99 42.19
N GLY D 236 13.16 -16.94 41.51
CA GLY D 236 14.30 -17.06 40.61
C GLY D 236 15.53 -17.63 41.28
N CYS D 237 15.92 -17.01 42.38
CA CYS D 237 17.15 -17.37 43.04
C CYS D 237 17.06 -18.70 43.79
N LEU D 238 15.92 -18.98 44.41
CA LEU D 238 15.80 -20.29 45.06
C LEU D 238 15.91 -21.38 44.01
N GLN D 239 15.36 -21.08 42.83
CA GLN D 239 15.54 -21.97 41.69
C GLN D 239 16.99 -22.14 41.36
N LEU D 240 17.75 -21.05 41.35
CA LEU D 240 19.16 -21.18 40.95
C LEU D 240 20.00 -21.86 42.01
N ILE D 241 19.79 -21.51 43.28
CA ILE D 241 20.31 -22.30 44.39
C ILE D 241 20.03 -23.79 44.06
N ASN D 242 18.75 -24.13 43.87
CA ASN D 242 18.40 -25.52 43.67
C ASN D 242 19.15 -26.13 42.49
N ALA D 243 19.34 -25.33 41.44
CA ALA D 243 20.04 -25.83 40.25
C ALA D 243 21.50 -26.23 40.53
N LEU D 244 22.13 -25.50 41.45
CA LEU D 244 23.52 -25.72 41.77
C LEU D 244 23.73 -27.03 42.51
N ILE D 245 22.79 -27.37 43.37
CA ILE D 245 22.87 -28.53 44.27
C ILE D 245 22.22 -29.81 43.69
N THR D 246 20.99 -29.70 43.17
CA THR D 246 20.26 -30.89 42.72
C THR D 246 21.11 -31.88 41.90
N PRO D 247 21.76 -31.40 40.82
CA PRO D 247 22.54 -32.33 40.01
C PRO D 247 23.94 -32.64 40.53
N ALA D 248 24.32 -32.10 41.67
CA ALA D 248 25.66 -32.38 42.19
C ALA D 248 25.74 -33.85 42.41
N GLU D 249 26.73 -34.45 41.77
CA GLU D 249 26.87 -35.89 41.86
C GLU D 249 27.19 -36.33 43.29
N GLU D 250 28.11 -35.64 43.97
CA GLU D 250 28.58 -36.10 45.29
C GLU D 250 28.14 -35.30 46.55
N LEU D 251 27.70 -36.07 47.57
CA LEU D 251 27.18 -35.59 48.87
C LEU D 251 28.03 -34.51 49.49
N ASP D 252 29.34 -34.59 49.34
CA ASP D 252 30.21 -33.53 49.89
C ASP D 252 29.97 -32.18 49.25
N PHE D 253 29.80 -32.17 47.93
CA PHE D 253 29.48 -30.94 47.21
C PHE D 253 28.13 -30.36 47.72
N ARG D 254 27.08 -31.16 47.55
CA ARG D 254 25.78 -30.87 48.12
C ARG D 254 25.93 -30.20 49.54
N VAL D 255 26.70 -30.84 50.43
CA VAL D 255 26.78 -30.43 51.84
C VAL D 255 27.55 -29.13 52.04
N HIS D 256 28.72 -29.06 51.39
CA HIS D 256 29.56 -27.88 51.35
C HIS D 256 28.76 -26.65 51.01
N ILE D 257 28.06 -26.71 49.89
CA ILE D 257 27.37 -25.53 49.36
C ILE D 257 26.29 -25.05 50.32
N ARG D 258 25.43 -25.98 50.72
CA ARG D 258 24.30 -25.62 51.52
C ARG D 258 24.86 -24.89 52.72
N SER D 259 25.86 -25.49 53.35
CA SER D 259 26.52 -24.90 54.50
C SER D 259 26.95 -23.48 54.25
N GLU D 260 27.75 -23.26 53.21
CA GLU D 260 28.13 -21.89 52.82
C GLU D 260 26.92 -20.97 52.84
N LEU D 261 25.79 -21.48 52.36
CA LEU D 261 24.61 -20.67 52.26
C LEU D 261 24.06 -20.35 53.63
N MET D 262 24.10 -21.33 54.52
CA MET D 262 23.64 -21.15 55.87
C MET D 262 24.47 -20.09 56.60
N ARG D 263 25.78 -20.14 56.38
CA ARG D 263 26.75 -19.17 56.89
C ARG D 263 26.30 -17.73 56.69
N LEU D 264 25.63 -17.46 55.57
CA LEU D 264 25.15 -16.10 55.28
C LEU D 264 23.68 -15.88 55.68
N GLY D 265 23.12 -16.82 56.42
CA GLY D 265 21.83 -16.63 57.06
C GLY D 265 20.63 -17.06 56.23
N LEU D 266 20.85 -18.00 55.31
CA LEU D 266 19.77 -18.56 54.51
C LEU D 266 18.64 -19.17 55.34
N HIS D 267 18.96 -19.76 56.49
CA HIS D 267 17.95 -20.35 57.37
C HIS D 267 16.84 -19.34 57.75
N GLN D 268 17.31 -18.19 58.26
CA GLN D 268 16.45 -17.12 58.77
C GLN D 268 15.74 -16.44 57.63
N VAL D 269 16.36 -16.44 56.45
CA VAL D 269 15.72 -15.96 55.22
C VAL D 269 14.67 -16.94 54.70
N LEU D 270 14.79 -18.20 55.08
CA LEU D 270 13.87 -19.21 54.58
C LEU D 270 12.55 -19.21 55.31
N GLN D 271 12.60 -19.28 56.65
CA GLN D 271 11.38 -19.12 57.43
C GLN D 271 10.66 -17.86 56.94
N GLU D 272 11.39 -16.76 56.77
CA GLU D 272 10.85 -15.57 56.12
C GLU D 272 10.00 -15.93 54.88
N LEU D 273 10.45 -16.94 54.13
CA LEU D 273 9.89 -17.27 52.81
C LEU D 273 8.72 -18.26 52.83
N ARG D 274 8.70 -19.14 53.83
CA ARG D 274 7.58 -20.06 53.98
C ARG D 274 6.37 -19.29 54.48
N GLU D 275 6.30 -18.01 54.16
CA GLU D 275 5.13 -17.20 54.51
C GLU D 275 4.26 -16.94 53.29
N ILE D 276 4.91 -16.61 52.19
CA ILE D 276 4.26 -16.01 51.01
C ILE D 276 3.38 -16.98 50.16
N GLU D 277 2.05 -16.79 50.18
CA GLU D 277 1.10 -17.66 49.42
C GLU D 277 1.37 -17.80 47.93
N ASN D 278 2.24 -18.74 47.58
CA ASN D 278 2.67 -18.85 46.18
C ASN D 278 3.07 -20.26 45.78
N GLU D 279 2.33 -20.81 44.83
CA GLU D 279 2.62 -22.11 44.25
C GLU D 279 4.10 -22.30 43.91
N ASP D 280 4.59 -21.46 43.00
CA ASP D 280 5.92 -21.62 42.47
C ASP D 280 6.95 -21.61 43.57
N MET D 281 6.84 -20.64 44.46
CA MET D 281 7.75 -20.56 45.59
C MET D 281 7.64 -21.81 46.48
N LYS D 282 6.42 -22.30 46.67
CA LYS D 282 6.19 -23.52 47.45
C LYS D 282 6.85 -24.76 46.86
N VAL D 283 6.92 -24.81 45.53
CA VAL D 283 7.55 -25.91 44.82
C VAL D 283 9.02 -25.87 45.09
N GLN D 284 9.61 -24.68 44.98
CA GLN D 284 11.07 -24.53 45.10
C GLN D 284 11.59 -24.88 46.49
N LEU D 285 10.90 -24.39 47.52
CA LEU D 285 11.19 -24.75 48.90
C LEU D 285 11.11 -26.23 49.08
N CYS D 286 10.10 -26.82 48.47
CA CYS D 286 9.83 -28.22 48.61
C CYS D 286 11.00 -29.08 48.12
N VAL D 287 11.64 -28.62 47.04
CA VAL D 287 12.78 -29.32 46.42
C VAL D 287 13.96 -29.19 47.32
N PHE D 288 14.16 -27.98 47.84
CA PHE D 288 15.26 -27.68 48.72
C PHE D 288 15.28 -28.59 49.98
N ASP D 289 14.15 -28.66 50.68
CA ASP D 289 14.10 -29.38 51.95
C ASP D 289 14.28 -30.86 51.76
N GLU D 290 13.54 -31.41 50.81
CA GLU D 290 13.64 -32.82 50.49
C GLU D 290 15.10 -33.24 50.25
N GLN D 291 15.86 -32.40 49.57
CA GLN D 291 17.26 -32.66 49.36
C GLN D 291 17.96 -32.64 50.73
N GLY D 292 17.83 -31.51 51.44
CA GLY D 292 18.33 -31.37 52.81
C GLY D 292 18.07 -32.57 53.74
N ASP D 293 16.89 -33.17 53.63
CA ASP D 293 16.56 -34.38 54.38
C ASP D 293 17.46 -35.56 54.02
N GLU D 294 17.65 -35.75 52.71
CA GLU D 294 18.46 -36.84 52.22
C GLU D 294 19.90 -36.63 52.58
N ASP D 295 20.42 -35.44 52.35
CA ASP D 295 21.79 -35.12 52.74
C ASP D 295 22.03 -35.46 54.23
N PHE D 296 21.13 -35.03 55.10
CA PHE D 296 21.19 -35.33 56.52
C PHE D 296 21.18 -36.85 56.82
N PHE D 297 20.20 -37.58 56.32
CA PHE D 297 20.18 -39.04 56.50
C PHE D 297 21.51 -39.73 56.06
N ASP D 298 22.05 -39.30 54.92
CA ASP D 298 23.30 -39.84 54.39
C ASP D 298 24.46 -39.47 55.27
N LEU D 299 24.60 -38.19 55.58
CA LEU D 299 25.70 -37.71 56.40
C LEU D 299 25.74 -38.38 57.79
N LYS D 300 24.58 -38.50 58.40
CA LYS D 300 24.44 -39.12 59.71
C LYS D 300 25.09 -40.49 59.76
N GLY D 301 24.84 -41.31 58.76
CA GLY D 301 25.35 -42.67 58.81
C GLY D 301 26.79 -42.77 58.33
N ARG D 302 27.25 -41.81 57.54
CA ARG D 302 28.68 -41.66 57.36
C ARG D 302 29.32 -41.40 58.75
N LEU D 303 28.70 -40.54 59.56
CA LEU D 303 29.12 -40.36 60.94
C LEU D 303 29.09 -41.67 61.73
N ASP D 304 28.24 -42.61 61.32
CA ASP D 304 28.23 -43.93 61.96
C ASP D 304 29.44 -44.79 61.59
N ASP D 305 29.72 -44.87 60.28
CA ASP D 305 30.93 -45.52 59.77
C ASP D 305 32.19 -44.93 60.42
N ILE D 306 32.42 -43.64 60.23
CA ILE D 306 33.62 -42.98 60.78
C ILE D 306 33.77 -43.15 62.31
N ARG D 307 32.65 -43.42 62.99
CA ARG D 307 32.62 -43.63 64.45
C ARG D 307 33.15 -45.01 64.88
N MET D 308 33.37 -45.89 63.91
CA MET D 308 34.00 -47.19 64.17
C MET D 308 35.32 -47.49 63.42
N GLU D 309 35.56 -46.82 62.28
CA GLU D 309 36.86 -46.89 61.62
C GLU D 309 37.85 -45.97 62.30
N MET D 310 37.35 -44.94 62.96
CA MET D 310 38.25 -43.97 63.55
C MET D 310 37.91 -43.77 65.02
N ASP D 311 38.13 -44.81 65.80
CA ASP D 311 37.64 -44.82 67.16
C ASP D 311 38.75 -44.50 68.10
N ASP D 312 39.93 -44.21 67.55
CA ASP D 312 41.04 -43.85 68.43
C ASP D 312 42.00 -42.90 67.79
N PHE D 313 42.82 -42.29 68.64
CA PHE D 313 43.70 -41.24 68.19
C PHE D 313 44.70 -41.61 67.14
N GLY D 314 45.20 -42.84 67.19
CA GLY D 314 46.17 -43.29 66.20
C GLY D 314 45.64 -43.08 64.80
N GLU D 315 44.36 -43.37 64.63
CA GLU D 315 43.77 -43.31 63.33
C GLU D 315 43.55 -41.89 62.95
N VAL D 316 43.20 -41.06 63.93
CA VAL D 316 43.01 -39.66 63.66
C VAL D 316 44.32 -39.19 63.10
N PHE D 317 45.40 -39.59 63.76
CA PHE D 317 46.75 -39.19 63.38
C PHE D 317 47.11 -39.58 61.95
N GLN D 318 46.76 -40.79 61.51
CA GLN D 318 46.99 -41.15 60.10
C GLN D 318 46.21 -40.28 59.12
N ILE D 319 44.91 -40.03 59.39
CA ILE D 319 44.14 -39.25 58.42
C ILE D 319 44.77 -37.86 58.27
N ILE D 320 45.03 -37.18 59.39
CA ILE D 320 45.70 -35.90 59.34
C ILE D 320 47.04 -35.99 58.55
N LEU D 321 48.00 -36.75 59.06
CA LEU D 321 49.28 -36.96 58.40
C LEU D 321 49.22 -37.32 56.91
N ASN D 322 48.18 -38.03 56.48
CA ASN D 322 48.14 -38.52 55.09
C ASN D 322 47.29 -37.76 54.11
N THR D 323 46.58 -36.73 54.55
CA THR D 323 45.57 -36.11 53.70
C THR D 323 45.25 -34.67 54.09
N VAL D 324 45.81 -34.20 55.19
CA VAL D 324 45.65 -32.81 55.55
C VAL D 324 47.03 -32.19 55.44
N LYS D 325 48.00 -32.84 56.09
CA LYS D 325 49.33 -32.25 56.34
C LYS D 325 50.06 -31.71 55.14
N ASP D 326 49.76 -32.15 53.93
CA ASP D 326 50.49 -31.45 52.90
C ASP D 326 49.69 -30.82 51.81
N SER D 327 48.44 -30.55 52.12
CA SER D 327 47.55 -29.99 51.15
C SER D 327 47.22 -28.59 51.63
N LYS D 328 46.50 -27.82 50.81
CA LYS D 328 46.03 -26.49 51.18
C LYS D 328 44.98 -26.52 52.28
N ALA D 329 44.57 -27.71 52.73
CA ALA D 329 43.61 -27.81 53.84
C ALA D 329 44.29 -27.60 55.21
N GLU D 330 45.58 -27.87 55.21
CA GLU D 330 46.39 -27.83 56.39
C GLU D 330 46.16 -26.62 57.31
N PRO D 331 46.36 -25.38 56.81
CA PRO D 331 46.31 -24.24 57.69
C PRO D 331 44.90 -24.05 58.29
N HIS D 332 43.85 -24.31 57.52
CA HIS D 332 42.47 -24.21 58.01
C HIS D 332 42.20 -25.24 59.10
N PHE D 333 42.67 -26.46 58.86
CA PHE D 333 42.51 -27.50 59.81
C PHE D 333 43.35 -27.22 61.08
N LEU D 334 44.57 -26.75 60.89
CA LEU D 334 45.43 -26.54 62.02
C LEU D 334 44.81 -25.54 62.96
N SER D 335 44.12 -24.58 62.37
CA SER D 335 43.47 -23.54 63.13
C SER D 335 42.21 -24.03 63.84
N ILE D 336 41.45 -24.89 63.17
CA ILE D 336 40.32 -25.51 63.84
C ILE D 336 40.89 -26.13 65.09
N LEU D 337 41.99 -26.87 64.95
CA LEU D 337 42.60 -27.50 66.12
C LEU D 337 43.02 -26.51 67.21
N GLN D 338 43.58 -25.39 66.82
CA GLN D 338 43.99 -24.40 67.80
C GLN D 338 42.83 -23.76 68.64
N HIS D 339 41.70 -23.44 68.01
CA HIS D 339 40.56 -22.91 68.79
C HIS D 339 40.09 -23.97 69.78
N LEU D 340 40.32 -25.24 69.43
CA LEU D 340 39.81 -26.33 70.24
C LEU D 340 40.74 -26.61 71.41
N LEU D 341 41.95 -26.06 71.39
CA LEU D 341 42.82 -26.27 72.53
C LEU D 341 43.10 -25.01 73.38
N LEU D 342 42.17 -24.05 73.33
CA LEU D 342 42.23 -22.78 74.03
C LEU D 342 42.00 -22.89 75.53
N VAL D 343 41.23 -23.89 75.94
CA VAL D 343 41.05 -24.09 77.35
C VAL D 343 42.35 -24.59 77.90
N ARG D 344 42.75 -23.97 79.02
CA ARG D 344 43.80 -24.49 79.87
C ARG D 344 43.34 -25.86 80.32
N ASN D 345 44.30 -26.78 80.38
CA ASN D 345 44.09 -28.17 80.78
C ASN D 345 43.78 -28.34 82.28
N ASP D 346 44.10 -27.30 83.06
CA ASP D 346 43.73 -27.12 84.48
C ASP D 346 42.22 -26.95 84.84
N TYR D 347 41.35 -26.62 83.86
CA TYR D 347 39.96 -26.23 84.18
C TYR D 347 39.11 -27.41 84.71
N GLU D 348 38.73 -27.34 85.98
CA GLU D 348 38.00 -28.44 86.64
C GLU D 348 36.74 -28.97 85.89
N ALA D 349 36.17 -28.20 84.96
CA ALA D 349 34.93 -28.59 84.27
C ALA D 349 35.11 -28.70 82.75
N ARG D 350 36.35 -28.92 82.33
CA ARG D 350 36.74 -29.06 80.94
C ARG D 350 35.87 -30.05 80.14
N PRO D 351 35.68 -31.30 80.66
CA PRO D 351 34.76 -32.21 79.99
C PRO D 351 33.43 -31.54 79.70
N GLN D 352 32.87 -30.92 80.74
CA GLN D 352 31.54 -30.30 80.66
C GLN D 352 31.51 -29.19 79.56
N TYR D 353 32.65 -28.50 79.36
CA TYR D 353 32.88 -27.51 78.27
C TYR D 353 32.93 -28.15 76.88
N TYR D 354 33.80 -29.15 76.72
CA TYR D 354 33.91 -29.90 75.48
C TYR D 354 32.55 -30.47 75.05
N LYS D 355 31.82 -31.08 75.99
CA LYS D 355 30.47 -31.54 75.68
C LYS D 355 29.63 -30.42 75.04
N LEU D 356 29.60 -29.24 75.67
CA LEU D 356 28.95 -28.06 75.12
C LEU D 356 29.44 -27.76 73.71
N ILE D 357 30.75 -27.89 73.46
CA ILE D 357 31.28 -27.42 72.18
C ILE D 357 30.99 -28.40 71.07
N GLU D 358 31.26 -29.65 71.38
CA GLU D 358 30.78 -30.77 70.57
C GLU D 358 29.34 -30.59 70.09
N GLU D 359 28.40 -30.25 71.00
CA GLU D 359 27.00 -29.98 70.66
C GLU D 359 26.90 -28.99 69.53
N CYS D 360 27.67 -27.91 69.63
CA CYS D 360 27.65 -26.82 68.64
C CYS D 360 28.27 -27.18 67.29
N VAL D 361 29.41 -27.87 67.31
CA VAL D 361 30.12 -28.28 66.07
C VAL D 361 29.30 -29.30 65.30
N SER D 362 28.59 -30.13 66.05
CA SER D 362 27.69 -31.12 65.53
C SER D 362 26.47 -30.50 64.83
N GLN D 363 25.91 -29.40 65.34
CA GLN D 363 24.82 -28.71 64.64
C GLN D 363 25.28 -28.03 63.32
N ILE D 364 26.57 -27.81 63.18
CA ILE D 364 27.04 -27.03 62.07
C ILE D 364 27.58 -27.91 60.95
N VAL D 365 27.90 -29.15 61.28
CA VAL D 365 28.26 -30.12 60.27
C VAL D 365 27.02 -30.89 59.83
N LEU D 366 26.17 -31.32 60.76
CA LEU D 366 24.93 -32.00 60.44
C LEU D 366 23.66 -31.13 60.55
N HIS D 367 23.26 -30.57 59.43
CA HIS D 367 22.30 -29.49 59.47
C HIS D 367 20.84 -29.98 59.51
N LYS D 368 20.25 -29.97 60.70
CA LYS D 368 18.81 -30.20 60.85
C LYS D 368 18.01 -28.99 60.31
#